data_7A54
#
_entry.id   7A54
#
_cell.length_a   51.870
_cell.length_b   96.194
_cell.length_c   220.602
_cell.angle_alpha   90.000
_cell.angle_beta   90.000
_cell.angle_gamma   90.000
#
_symmetry.space_group_name_H-M   'P 21 21 21'
#
loop_
_entity.id
_entity.type
_entity.pdbx_description
1 polymer 'Sialidase A'
2 non-polymer '2-DEOXY-2,3-DEHYDRO-N-ACETYL-NEURAMINIC ACID'
3 water water
#
_entity_poly.entity_id   1
_entity_poly.type   'polypeptide(L)'
_entity_poly.pdbx_seq_one_letter_code
;MGHHHHHHHHHHSSGHIDDDDKHMPEGAALTEKTDIFESGRNGKPNKDGIKSYRIPALLKTDKGTLIAGADERRLHSSDW
GDIGMVIRRSEDNGKTWGDRVTITNLRDNPKASDPSIGSPVNIDMVLVQDPETKRIFSIYDMFPEGKGIFGMSSQKEEAY
KKIDGKTYQILYREGEKGAYTIRENGTVYTPDGKATDYRVVVDPVKPAYSDKGDLYKGNQLLGNIYFTTNKTSPFRIAKD
SYLWMSYSDDDGKTWSAPQDITPMVKADWMKFLGVGPGTGIVLRNGPHKGRILIPVYTTNNVSHLNGSQSSRIIYSDDHG
KTWHAGEAVNDNRQVDGQKIHSSTMNNRRAQNTESTVVQLNNGDVKLFMRGLTGDLQVATSKDGGVTWEKDIKRYPQVKD
VYVQMSAIHTMHEGKEYIILSNAGGPKRENGMVHLARVEENGELTWLKHNPIQKGEFAYNSLQELGNGEYGILYEHTEKG
QNAYTLSFRKFNWDFLSK
;
_entity_poly.pdbx_strand_id   A,B
#
loop_
_chem_comp.id
_chem_comp.type
_chem_comp.name
_chem_comp.formula
DAN D-saccharide '2-DEOXY-2,3-DEHYDRO-N-ACETYL-NEURAMINIC ACID' 'C11 H17 N O8'
#
# COMPACT_ATOMS: atom_id res chain seq x y z
N GLY A 27 -7.17 55.93 -0.60
CA GLY A 27 -6.01 55.13 -0.96
C GLY A 27 -6.29 53.64 -0.92
N ALA A 28 -6.90 53.20 0.17
CA ALA A 28 -7.25 51.80 0.38
C ALA A 28 -8.75 51.60 0.20
N ALA A 29 -9.14 50.66 -0.67
CA ALA A 29 -10.55 50.42 -0.97
C ALA A 29 -10.85 48.92 -0.95
N LEU A 30 -12.02 48.58 -0.40
CA LEU A 30 -12.54 47.21 -0.39
C LEU A 30 -14.02 47.26 -0.72
N THR A 31 -14.43 46.53 -1.76
CA THR A 31 -15.79 46.58 -2.25
C THR A 31 -16.74 45.81 -1.32
N GLU A 32 -18.03 46.07 -1.48
CA GLU A 32 -19.05 45.33 -0.75
C GLU A 32 -19.10 43.88 -1.23
N LYS A 33 -19.64 43.01 -0.38
CA LYS A 33 -19.68 41.60 -0.71
C LYS A 33 -20.73 41.35 -1.79
N THR A 34 -20.36 40.51 -2.76
CA THR A 34 -21.24 40.17 -3.88
C THR A 34 -21.54 38.68 -3.79
N ASP A 35 -22.79 38.33 -3.49
CA ASP A 35 -23.17 36.93 -3.35
C ASP A 35 -23.12 36.26 -4.71
N ILE A 36 -22.18 35.34 -4.89
CA ILE A 36 -22.08 34.58 -6.14
C ILE A 36 -23.00 33.37 -6.11
N PHE A 37 -22.93 32.58 -5.04
CA PHE A 37 -23.79 31.41 -4.85
C PHE A 37 -24.59 31.67 -3.57
N GLU A 38 -25.80 32.21 -3.74
CA GLU A 38 -26.64 32.57 -2.60
C GLU A 38 -27.39 31.35 -2.10
N SER A 39 -27.21 31.03 -0.81
CA SER A 39 -27.82 29.87 -0.21
C SER A 39 -29.28 30.16 0.16
N GLY A 40 -29.95 29.16 0.72
CA GLY A 40 -31.30 29.30 1.22
C GLY A 40 -31.31 30.01 2.56
N ARG A 41 -32.48 29.94 3.21
CA ARG A 41 -32.68 30.63 4.48
C ARG A 41 -33.36 29.71 5.49
N ASN A 42 -32.92 29.83 6.75
CA ASN A 42 -33.54 29.14 7.87
C ASN A 42 -33.85 27.67 7.59
N GLY A 43 -32.99 27.00 6.84
CA GLY A 43 -33.17 25.60 6.55
C GLY A 43 -34.03 25.28 5.35
N LYS A 44 -34.38 26.30 4.58
CA LYS A 44 -35.17 26.08 3.41
C LYS A 44 -34.33 26.29 2.17
N PRO A 45 -34.82 25.75 1.03
CA PRO A 45 -34.07 25.97 -0.21
C PRO A 45 -34.29 27.38 -0.76
N ASN A 46 -33.43 27.75 -1.69
CA ASN A 46 -33.52 29.05 -2.35
C ASN A 46 -34.52 28.95 -3.51
N LYS A 47 -34.59 30.00 -4.34
CA LYS A 47 -35.54 30.00 -5.44
C LYS A 47 -35.26 28.88 -6.43
N ASP A 48 -34.04 28.36 -6.46
CA ASP A 48 -33.66 27.32 -7.40
C ASP A 48 -33.76 25.92 -6.81
N GLY A 49 -34.22 25.80 -5.57
CA GLY A 49 -34.30 24.51 -4.92
C GLY A 49 -33.02 24.05 -4.26
N ILE A 50 -32.04 24.94 -4.14
CA ILE A 50 -30.75 24.61 -3.54
C ILE A 50 -30.76 25.10 -2.10
N LYS A 51 -30.31 24.24 -1.18
CA LYS A 51 -30.23 24.64 0.23
C LYS A 51 -28.94 25.37 0.54
N SER A 52 -27.79 24.77 0.20
CA SER A 52 -26.50 25.28 0.64
C SER A 52 -25.49 25.29 -0.50
N TYR A 53 -24.47 26.12 -0.30
CA TYR A 53 -23.29 26.17 -1.15
C TYR A 53 -22.07 26.14 -0.26
N ARG A 54 -20.99 25.52 -0.75
CA ARG A 54 -19.79 25.41 0.07
C ARG A 54 -18.57 25.20 -0.81
N ILE A 55 -17.41 25.37 -0.18
CA ILE A 55 -16.11 25.02 -0.76
C ILE A 55 -15.85 25.85 -2.00
N PRO A 56 -15.50 27.13 -1.86
CA PRO A 56 -15.27 27.97 -3.03
C PRO A 56 -13.90 27.73 -3.66
N ALA A 57 -13.79 28.16 -4.92
CA ALA A 57 -12.52 28.14 -5.64
C ALA A 57 -12.56 29.23 -6.70
N LEU A 58 -11.56 30.11 -6.69
CA LEU A 58 -11.50 31.26 -7.58
C LEU A 58 -10.28 31.13 -8.49
N LEU A 59 -10.47 31.38 -9.78
CA LEU A 59 -9.38 31.25 -10.74
C LEU A 59 -9.46 32.35 -11.79
N LYS A 60 -8.34 33.03 -12.02
CA LYS A 60 -8.22 34.03 -13.07
C LYS A 60 -7.57 33.38 -14.29
N THR A 61 -8.33 33.30 -15.38
CA THR A 61 -7.89 32.62 -16.59
C THR A 61 -6.99 33.52 -17.43
N ASP A 62 -6.49 32.96 -18.56
CA ASP A 62 -5.64 33.71 -19.47
C ASP A 62 -6.39 34.87 -20.11
N LYS A 63 -7.66 34.66 -20.46
CA LYS A 63 -8.47 35.71 -21.08
C LYS A 63 -8.96 36.74 -20.08
N GLY A 64 -8.48 36.68 -18.84
CA GLY A 64 -8.93 37.60 -17.81
C GLY A 64 -10.22 37.22 -17.14
N THR A 65 -10.83 36.10 -17.52
CA THR A 65 -12.10 35.70 -16.95
C THR A 65 -11.89 35.16 -15.53
N LEU A 66 -12.89 35.40 -14.68
CA LEU A 66 -12.90 34.86 -13.33
C LEU A 66 -13.87 33.69 -13.26
N ILE A 67 -13.40 32.57 -12.74
CA ILE A 67 -14.20 31.37 -12.56
C ILE A 67 -14.38 31.14 -11.07
N ALA A 68 -15.63 31.15 -10.63
CA ALA A 68 -15.98 30.87 -9.23
C ALA A 68 -16.62 29.49 -9.19
N GLY A 69 -15.95 28.55 -8.51
CA GLY A 69 -16.49 27.21 -8.36
C GLY A 69 -16.99 26.95 -6.96
N ALA A 70 -17.86 25.96 -6.79
CA ALA A 70 -18.45 25.68 -5.49
C ALA A 70 -19.12 24.31 -5.51
N ASP A 71 -19.58 23.89 -4.35
CA ASP A 71 -20.35 22.67 -4.19
C ASP A 71 -21.82 23.02 -4.06
N GLU A 72 -22.64 22.48 -4.96
CA GLU A 72 -24.09 22.72 -4.95
C GLU A 72 -24.73 21.60 -4.12
N ARG A 73 -25.08 21.92 -2.88
CA ARG A 73 -25.68 20.96 -1.96
C ARG A 73 -27.19 21.18 -1.99
N ARG A 74 -27.92 20.27 -2.65
CA ARG A 74 -29.33 20.49 -2.94
C ARG A 74 -30.27 20.13 -1.80
N LEU A 75 -29.80 19.36 -0.82
CA LEU A 75 -30.68 18.86 0.24
C LEU A 75 -30.26 19.27 1.64
N HIS A 76 -28.98 19.45 1.90
CA HIS A 76 -28.49 19.85 3.22
C HIS A 76 -27.05 20.28 3.08
N SER A 77 -26.45 20.69 4.20
CA SER A 77 -25.12 21.25 4.20
C SER A 77 -24.02 20.24 4.51
N SER A 78 -24.38 19.02 4.90
CA SER A 78 -23.38 18.05 5.33
C SER A 78 -22.47 17.65 4.18
N ASP A 79 -21.36 17.00 4.52
CA ASP A 79 -20.36 16.58 3.55
C ASP A 79 -20.75 15.31 2.80
N TRP A 80 -21.99 15.25 2.34
CA TRP A 80 -22.47 14.11 1.56
C TRP A 80 -23.81 14.50 0.95
N GLY A 81 -24.40 13.57 0.21
CA GLY A 81 -25.68 13.79 -0.44
C GLY A 81 -25.53 14.14 -1.92
N ASP A 82 -26.66 14.55 -2.49
CA ASP A 82 -26.70 14.97 -3.90
C ASP A 82 -25.97 16.30 -4.02
N ILE A 83 -24.72 16.26 -4.44
CA ILE A 83 -23.90 17.45 -4.58
C ILE A 83 -23.40 17.54 -6.02
N GLY A 84 -23.42 18.75 -6.57
CA GLY A 84 -22.95 18.99 -7.92
C GLY A 84 -21.81 19.99 -7.92
N MET A 85 -20.94 19.87 -8.92
CA MET A 85 -19.81 20.77 -9.10
C MET A 85 -20.19 21.82 -10.14
N VAL A 86 -20.44 23.05 -9.66
CA VAL A 86 -20.90 24.13 -10.51
C VAL A 86 -19.86 25.23 -10.51
N ILE A 87 -19.92 26.09 -11.54
CA ILE A 87 -19.05 27.26 -11.64
C ILE A 87 -19.82 28.40 -12.28
N ARG A 88 -19.32 29.61 -12.07
CA ARG A 88 -19.84 30.82 -12.70
C ARG A 88 -18.69 31.63 -13.26
N ARG A 89 -18.95 32.36 -14.34
CA ARG A 89 -17.94 33.11 -15.06
C ARG A 89 -18.21 34.62 -14.95
N SER A 90 -17.13 35.39 -14.95
CA SER A 90 -17.21 36.84 -14.98
C SER A 90 -16.12 37.37 -15.91
N GLU A 91 -16.52 38.14 -16.91
CA GLU A 91 -15.59 38.75 -17.86
C GLU A 91 -15.29 40.20 -17.52
N ASP A 92 -15.78 40.69 -16.39
CA ASP A 92 -15.57 42.08 -15.96
C ASP A 92 -14.99 42.12 -14.55
N ASN A 93 -13.96 41.31 -14.32
CA ASN A 93 -13.23 41.30 -13.06
C ASN A 93 -14.16 41.23 -11.85
N GLY A 94 -15.27 40.52 -11.98
CA GLY A 94 -16.14 40.25 -10.86
C GLY A 94 -17.29 41.22 -10.69
N LYS A 95 -17.49 42.14 -11.63
CA LYS A 95 -18.61 43.08 -11.53
C LYS A 95 -19.94 42.40 -11.80
N THR A 96 -19.98 41.52 -12.81
CA THR A 96 -21.18 40.76 -13.15
C THR A 96 -20.80 39.30 -13.37
N TRP A 97 -21.78 38.41 -13.20
CA TRP A 97 -21.57 36.98 -13.33
C TRP A 97 -22.64 36.34 -14.19
N GLY A 98 -22.23 35.32 -14.94
CA GLY A 98 -23.12 34.60 -15.83
C GLY A 98 -23.92 33.52 -15.13
N ASP A 99 -24.61 32.72 -15.94
CA ASP A 99 -25.43 31.63 -15.43
C ASP A 99 -24.55 30.55 -14.80
N ARG A 100 -25.19 29.71 -13.98
CA ARG A 100 -24.51 28.56 -13.41
C ARG A 100 -24.17 27.55 -14.50
N VAL A 101 -22.93 27.05 -14.48
CA VAL A 101 -22.49 26.00 -15.38
C VAL A 101 -22.12 24.79 -14.52
N THR A 102 -22.79 23.67 -14.74
CA THR A 102 -22.56 22.47 -13.96
C THR A 102 -21.54 21.59 -14.66
N ILE A 103 -20.49 21.23 -13.92
CA ILE A 103 -19.45 20.36 -14.47
C ILE A 103 -19.85 18.91 -14.33
N THR A 104 -20.35 18.52 -13.15
CA THR A 104 -20.70 17.13 -12.88
C THR A 104 -21.78 17.11 -11.80
N ASN A 105 -22.76 16.21 -11.98
CA ASN A 105 -23.83 16.03 -11.01
C ASN A 105 -24.39 14.62 -11.19
N LEU A 106 -23.82 13.66 -10.46
CA LEU A 106 -24.32 12.30 -10.51
C LEU A 106 -25.77 12.23 -10.03
N ARG A 107 -26.58 11.45 -10.73
CA ARG A 107 -27.97 11.29 -10.36
C ARG A 107 -28.08 10.49 -9.07
N ASP A 108 -29.10 10.81 -8.28
CA ASP A 108 -29.29 10.14 -7.00
C ASP A 108 -30.00 8.80 -7.21
N ASN A 109 -29.97 7.98 -6.17
CA ASN A 109 -30.55 6.65 -6.23
C ASN A 109 -32.05 6.75 -5.97
N PRO A 110 -32.89 6.47 -6.98
CA PRO A 110 -34.34 6.62 -6.78
C PRO A 110 -34.92 5.67 -5.76
N LYS A 111 -34.18 4.64 -5.33
CA LYS A 111 -34.67 3.65 -4.40
C LYS A 111 -34.07 3.78 -3.00
N ALA A 112 -33.22 4.76 -2.78
CA ALA A 112 -32.58 4.90 -1.47
C ALA A 112 -33.61 5.11 -0.38
N SER A 113 -33.31 4.57 0.80
CA SER A 113 -34.20 4.70 1.96
C SER A 113 -34.09 6.10 2.56
N ASP A 114 -32.87 6.58 2.76
CA ASP A 114 -32.61 7.90 3.36
C ASP A 114 -32.17 8.84 2.24
N PRO A 115 -33.05 9.71 1.73
CA PRO A 115 -32.65 10.58 0.61
C PRO A 115 -31.48 11.48 0.90
N SER A 116 -31.19 11.76 2.18
CA SER A 116 -30.06 12.60 2.53
C SER A 116 -28.72 11.94 2.29
N ILE A 117 -28.69 10.61 2.17
CA ILE A 117 -27.43 9.89 1.96
C ILE A 117 -27.60 8.83 0.89
N GLY A 118 -28.48 9.09 -0.08
CA GLY A 118 -28.78 8.13 -1.12
C GLY A 118 -28.38 8.63 -2.49
N SER A 119 -27.12 9.05 -2.63
CA SER A 119 -26.63 9.58 -3.89
C SER A 119 -25.12 9.56 -3.92
N PRO A 120 -24.50 9.11 -5.01
CA PRO A 120 -23.05 9.33 -5.16
C PRO A 120 -22.69 10.78 -4.95
N VAL A 121 -21.46 11.02 -4.47
CA VAL A 121 -21.06 12.33 -4.00
C VAL A 121 -19.87 12.84 -4.80
N ASN A 122 -19.82 14.16 -4.98
CA ASN A 122 -18.68 14.91 -5.49
C ASN A 122 -18.50 16.10 -4.57
N ILE A 123 -17.26 16.39 -4.17
CA ILE A 123 -17.02 17.35 -3.09
C ILE A 123 -15.59 17.84 -3.16
N ASP A 124 -15.38 19.09 -2.73
CA ASP A 124 -14.06 19.70 -2.56
C ASP A 124 -13.32 19.85 -3.87
N MET A 125 -13.71 20.86 -4.65
CA MET A 125 -13.10 21.16 -5.93
C MET A 125 -11.80 21.95 -5.77
N VAL A 126 -10.84 21.69 -6.67
CA VAL A 126 -9.66 22.51 -6.85
C VAL A 126 -9.57 22.92 -8.32
N LEU A 127 -9.25 24.20 -8.55
CA LEU A 127 -9.13 24.73 -9.90
C LEU A 127 -7.68 25.06 -10.24
N VAL A 128 -7.36 24.98 -11.53
CA VAL A 128 -6.05 25.38 -12.03
C VAL A 128 -6.07 25.37 -13.56
N GLN A 129 -5.30 26.26 -14.19
CA GLN A 129 -5.15 26.30 -15.64
C GLN A 129 -3.69 26.16 -16.02
N ASP A 130 -3.44 25.41 -17.08
CA ASP A 130 -2.09 25.28 -17.63
C ASP A 130 -1.78 26.48 -18.53
N PRO A 131 -0.73 27.25 -18.25
CA PRO A 131 -0.48 28.46 -19.05
C PRO A 131 0.03 28.19 -20.46
N GLU A 132 0.34 26.95 -20.81
CA GLU A 132 0.78 26.63 -22.17
C GLU A 132 -0.40 26.18 -23.03
N THR A 133 -1.11 25.14 -22.59
CA THR A 133 -2.23 24.64 -23.37
C THR A 133 -3.50 25.45 -23.18
N LYS A 134 -3.57 26.27 -22.13
CA LYS A 134 -4.76 27.06 -21.81
C LYS A 134 -5.92 26.19 -21.35
N ARG A 135 -5.69 24.90 -21.16
CA ARG A 135 -6.72 24.00 -20.63
C ARG A 135 -6.96 24.27 -19.15
N ILE A 136 -8.23 24.35 -18.76
CA ILE A 136 -8.62 24.56 -17.38
C ILE A 136 -9.05 23.22 -16.78
N PHE A 137 -8.53 22.89 -15.60
CA PHE A 137 -8.81 21.63 -14.94
C PHE A 137 -9.66 21.85 -13.69
N SER A 138 -10.42 20.83 -13.33
CA SER A 138 -11.19 20.81 -12.09
C SER A 138 -11.04 19.43 -11.46
N ILE A 139 -10.45 19.37 -10.28
CA ILE A 139 -10.20 18.11 -9.57
C ILE A 139 -10.98 18.12 -8.28
N TYR A 140 -11.70 17.03 -8.02
CA TYR A 140 -12.58 16.92 -6.86
C TYR A 140 -12.64 15.48 -6.41
N ASP A 141 -13.13 15.30 -5.19
CA ASP A 141 -13.33 13.97 -4.63
C ASP A 141 -14.60 13.35 -5.20
N MET A 142 -14.65 12.02 -5.17
CA MET A 142 -15.85 11.30 -5.57
C MET A 142 -16.05 10.12 -4.62
N PHE A 143 -17.29 9.93 -4.17
CA PHE A 143 -17.67 8.84 -3.32
C PHE A 143 -18.91 8.16 -3.89
N PRO A 144 -19.03 6.85 -3.78
CA PRO A 144 -20.33 6.21 -4.05
C PRO A 144 -21.33 6.55 -2.97
N GLU A 145 -22.57 6.12 -3.20
CA GLU A 145 -23.66 6.38 -2.27
C GLU A 145 -23.22 6.14 -0.83
N GLY A 146 -23.59 7.07 0.05
CA GLY A 146 -23.26 6.97 1.46
C GLY A 146 -22.94 8.32 2.05
N LYS A 147 -22.26 8.31 3.19
CA LYS A 147 -21.91 9.51 3.93
C LYS A 147 -20.52 10.04 3.58
N GLY A 148 -20.07 9.84 2.35
CA GLY A 148 -18.78 10.36 1.94
C GLY A 148 -17.67 9.84 2.83
N ILE A 149 -16.81 10.77 3.26
CA ILE A 149 -15.64 10.40 4.05
C ILE A 149 -16.01 9.85 5.41
N PHE A 150 -17.24 10.08 5.88
CA PHE A 150 -17.67 9.58 7.18
C PHE A 150 -18.42 8.25 7.08
N GLY A 151 -18.55 7.70 5.88
CA GLY A 151 -19.18 6.42 5.69
C GLY A 151 -18.34 5.49 4.86
N MET A 152 -17.05 5.41 5.16
CA MET A 152 -16.12 4.56 4.43
C MET A 152 -16.13 3.16 5.04
N SER A 153 -16.27 2.15 4.19
CA SER A 153 -16.24 0.77 4.66
C SER A 153 -14.94 0.51 5.41
N SER A 154 -15.05 -0.13 6.58
CA SER A 154 -13.89 -0.35 7.42
C SER A 154 -12.83 -1.19 6.71
N GLN A 155 -13.26 -2.20 5.96
CA GLN A 155 -12.32 -3.09 5.27
C GLN A 155 -12.08 -2.62 3.85
N LYS A 156 -10.92 -2.98 3.31
CA LYS A 156 -10.53 -2.51 2.00
C LYS A 156 -11.22 -3.34 0.91
N GLU A 157 -11.51 -2.68 -0.21
CA GLU A 157 -12.07 -3.32 -1.38
C GLU A 157 -11.24 -2.85 -2.57
N GLU A 158 -10.42 -3.74 -3.12
CA GLU A 158 -9.62 -3.37 -4.29
C GLU A 158 -10.49 -2.75 -5.35
N ALA A 159 -10.12 -1.56 -5.81
CA ALA A 159 -10.92 -0.81 -6.77
C ALA A 159 -10.48 -0.99 -8.21
N TYR A 160 -9.22 -1.37 -8.45
CA TYR A 160 -8.69 -1.49 -9.80
C TYR A 160 -7.91 -2.78 -9.94
N LYS A 161 -7.75 -3.20 -11.20
CA LYS A 161 -7.03 -4.41 -11.56
C LYS A 161 -6.20 -4.12 -12.79
N LYS A 162 -4.94 -4.54 -12.76
CA LYS A 162 -4.02 -4.32 -13.87
C LYS A 162 -3.96 -5.61 -14.69
N ILE A 163 -4.33 -5.50 -15.97
CA ILE A 163 -4.40 -6.65 -16.88
C ILE A 163 -3.57 -6.33 -18.12
N ASP A 164 -2.45 -7.04 -18.30
CA ASP A 164 -1.59 -6.89 -19.47
C ASP A 164 -1.31 -5.42 -19.76
N GLY A 165 -0.88 -4.71 -18.72
CA GLY A 165 -0.53 -3.30 -18.86
C GLY A 165 -1.67 -2.34 -18.57
N LYS A 166 -2.83 -2.57 -19.19
CA LYS A 166 -3.95 -1.66 -19.01
C LYS A 166 -4.57 -1.82 -17.62
N THR A 167 -5.13 -0.71 -17.13
CA THR A 167 -5.80 -0.67 -15.84
C THR A 167 -7.31 -0.56 -16.05
N TYR A 168 -8.07 -1.35 -15.29
CA TYR A 168 -9.52 -1.36 -15.39
C TYR A 168 -10.14 -1.21 -14.01
N GLN A 169 -11.25 -0.49 -13.94
CA GLN A 169 -11.98 -0.37 -12.69
C GLN A 169 -12.70 -1.68 -12.37
N ILE A 170 -12.66 -2.08 -11.12
CA ILE A 170 -13.23 -3.36 -10.72
C ILE A 170 -14.72 -3.17 -10.44
N LEU A 171 -15.49 -4.21 -10.72
CA LEU A 171 -16.91 -4.27 -10.39
C LEU A 171 -17.16 -5.54 -9.57
N TYR A 172 -17.96 -5.39 -8.52
CA TYR A 172 -18.33 -6.51 -7.66
C TYR A 172 -19.78 -6.88 -7.93
N ARG A 173 -20.02 -8.18 -8.07
CA ARG A 173 -21.34 -8.73 -8.36
C ARG A 173 -21.95 -9.28 -7.09
N GLU A 174 -23.25 -9.07 -6.92
CA GLU A 174 -23.94 -9.53 -5.73
C GLU A 174 -23.82 -11.04 -5.59
N GLY A 175 -23.42 -11.49 -4.39
CA GLY A 175 -23.26 -12.89 -4.11
C GLY A 175 -21.93 -13.49 -4.54
N GLU A 176 -21.24 -12.88 -5.48
CA GLU A 176 -19.98 -13.38 -6.01
C GLU A 176 -18.78 -12.69 -5.38
N LYS A 177 -17.63 -13.35 -5.48
CA LYS A 177 -16.38 -12.85 -4.92
C LYS A 177 -15.40 -12.33 -5.96
N GLY A 178 -15.49 -12.81 -7.19
CA GLY A 178 -14.55 -12.42 -8.22
C GLY A 178 -14.66 -10.95 -8.58
N ALA A 179 -13.65 -10.49 -9.31
CA ALA A 179 -13.55 -9.09 -9.71
C ALA A 179 -13.84 -8.97 -11.20
N TYR A 180 -15.05 -8.52 -11.54
CA TYR A 180 -15.36 -8.09 -12.89
C TYR A 180 -14.64 -6.77 -13.19
N THR A 181 -14.50 -6.47 -14.49
CA THR A 181 -13.81 -5.27 -14.91
C THR A 181 -14.58 -4.56 -16.02
N ILE A 182 -14.42 -3.24 -16.06
CA ILE A 182 -15.00 -2.38 -17.08
C ILE A 182 -13.92 -2.08 -18.11
N ARG A 183 -14.10 -2.58 -19.33
CA ARG A 183 -13.10 -2.47 -20.38
C ARG A 183 -13.63 -1.57 -21.51
N GLU A 184 -13.12 -1.77 -22.73
CA GLU A 184 -13.48 -0.94 -23.87
C GLU A 184 -14.99 -0.73 -23.94
N ASN A 185 -15.40 0.47 -24.34
CA ASN A 185 -16.80 0.79 -24.57
C ASN A 185 -17.67 0.55 -23.34
N GLY A 186 -17.05 0.41 -22.16
CA GLY A 186 -17.79 0.16 -20.95
C GLY A 186 -18.29 -1.27 -20.81
N THR A 187 -17.84 -2.19 -21.65
CA THR A 187 -18.30 -3.56 -21.56
C THR A 187 -17.77 -4.22 -20.30
N VAL A 188 -18.65 -4.91 -19.57
CA VAL A 188 -18.25 -5.59 -18.34
C VAL A 188 -17.69 -6.96 -18.71
N TYR A 189 -16.56 -7.31 -18.08
CA TYR A 189 -15.88 -8.57 -18.35
C TYR A 189 -15.91 -9.44 -17.11
N THR A 190 -15.96 -10.75 -17.33
CA THR A 190 -15.99 -11.69 -16.22
C THR A 190 -14.61 -11.75 -15.56
N PRO A 191 -14.55 -12.25 -14.32
CA PRO A 191 -13.24 -12.44 -13.68
C PRO A 191 -12.30 -13.31 -14.50
N ASP A 192 -12.82 -14.14 -15.39
CA ASP A 192 -12.01 -14.99 -16.25
C ASP A 192 -11.68 -14.33 -17.58
N GLY A 193 -11.98 -13.04 -17.72
CA GLY A 193 -11.56 -12.27 -18.87
C GLY A 193 -12.42 -12.39 -20.11
N LYS A 194 -13.66 -12.87 -19.98
CA LYS A 194 -14.58 -12.96 -21.10
C LYS A 194 -15.67 -11.90 -20.97
N ALA A 195 -16.07 -11.36 -22.12
CA ALA A 195 -17.06 -10.28 -22.14
C ALA A 195 -18.43 -10.79 -21.76
N THR A 196 -19.25 -9.88 -21.23
CA THR A 196 -20.62 -10.16 -20.82
C THR A 196 -21.58 -9.31 -21.64
N ASP A 197 -22.86 -9.44 -21.34
CA ASP A 197 -23.92 -8.66 -21.98
C ASP A 197 -24.17 -7.35 -21.26
N TYR A 198 -23.51 -7.10 -20.14
CA TYR A 198 -23.65 -5.86 -19.39
C TYR A 198 -22.61 -4.84 -19.84
N ARG A 199 -22.98 -3.56 -19.74
CA ARG A 199 -22.08 -2.49 -20.12
C ARG A 199 -22.32 -1.29 -19.22
N VAL A 200 -21.27 -0.48 -19.05
CA VAL A 200 -21.32 0.71 -18.21
C VAL A 200 -21.23 1.93 -19.10
N VAL A 201 -21.90 3.00 -18.68
CA VAL A 201 -21.84 4.27 -19.40
C VAL A 201 -20.55 4.97 -19.03
N VAL A 202 -19.50 4.72 -19.81
CA VAL A 202 -18.21 5.34 -19.56
C VAL A 202 -18.05 6.68 -20.28
N ASP A 203 -18.91 6.97 -21.25
CA ASP A 203 -18.87 8.22 -22.00
C ASP A 203 -20.25 8.88 -21.91
N PRO A 204 -20.60 9.42 -20.75
CA PRO A 204 -21.93 10.01 -20.58
C PRO A 204 -22.19 11.13 -21.58
N VAL A 205 -23.46 11.45 -21.75
CA VAL A 205 -23.88 12.44 -22.75
C VAL A 205 -24.94 13.37 -22.18
N LYS A 206 -25.51 13.02 -21.03
CA LYS A 206 -26.57 13.84 -20.45
C LYS A 206 -25.99 15.11 -19.84
N PRO A 207 -26.83 16.14 -19.65
CA PRO A 207 -26.34 17.36 -18.99
C PRO A 207 -25.79 17.05 -17.61
N ALA A 208 -24.67 17.67 -17.28
CA ALA A 208 -23.94 17.40 -16.05
C ALA A 208 -23.40 15.98 -15.99
N TYR A 209 -23.55 15.22 -17.07
CA TYR A 209 -23.06 13.84 -17.13
C TYR A 209 -23.71 12.98 -16.05
N SER A 210 -24.99 13.25 -15.78
CA SER A 210 -25.73 12.52 -14.76
C SER A 210 -25.94 11.05 -15.08
N ASP A 211 -25.66 10.63 -16.31
CA ASP A 211 -25.83 9.24 -16.70
C ASP A 211 -24.58 8.40 -16.49
N LYS A 212 -23.52 8.99 -15.94
CA LYS A 212 -22.29 8.24 -15.71
C LYS A 212 -22.53 7.10 -14.71
N GLY A 213 -21.94 5.94 -15.01
CA GLY A 213 -22.07 4.77 -14.18
C GLY A 213 -23.35 3.98 -14.38
N ASP A 214 -24.26 4.46 -15.22
CA ASP A 214 -25.47 3.70 -15.53
C ASP A 214 -25.11 2.31 -16.03
N LEU A 215 -25.78 1.30 -15.48
CA LEU A 215 -25.53 -0.09 -15.84
C LEU A 215 -26.62 -0.53 -16.80
N TYR A 216 -26.22 -0.98 -17.98
CA TYR A 216 -27.14 -1.41 -19.03
C TYR A 216 -26.95 -2.89 -19.33
N LYS A 217 -27.96 -3.49 -19.91
CA LYS A 217 -27.87 -4.83 -20.43
C LYS A 217 -28.54 -4.63 -21.75
N GLY A 218 -27.77 -4.26 -22.76
CA GLY A 218 -28.31 -4.00 -24.06
C GLY A 218 -28.78 -2.57 -24.04
N ASN A 219 -30.06 -2.33 -24.25
CA ASN A 219 -30.55 -0.98 -24.18
C ASN A 219 -31.51 -0.86 -23.03
N GLN A 220 -31.43 -1.77 -22.06
CA GLN A 220 -32.33 -1.74 -20.93
C GLN A 220 -31.58 -1.30 -19.71
N LEU A 221 -31.89 -0.14 -19.17
CA LEU A 221 -31.20 0.43 -18.02
C LEU A 221 -31.57 -0.40 -16.78
N LEU A 222 -30.55 -0.91 -16.09
CA LEU A 222 -30.76 -1.73 -14.90
C LEU A 222 -30.48 -0.96 -13.62
N GLY A 223 -29.38 -0.23 -13.55
CA GLY A 223 -29.06 0.53 -12.37
C GLY A 223 -27.83 1.40 -12.53
N ASN A 224 -27.11 1.63 -11.43
CA ASN A 224 -25.91 2.45 -11.46
C ASN A 224 -24.86 1.79 -10.60
N ILE A 225 -23.63 1.72 -11.11
CA ILE A 225 -22.55 1.08 -10.36
C ILE A 225 -22.15 1.85 -9.12
N TYR A 226 -22.59 3.11 -9.00
CA TYR A 226 -22.30 3.94 -7.84
C TYR A 226 -23.38 3.85 -6.76
N PHE A 227 -24.41 3.03 -6.96
CA PHE A 227 -25.44 2.80 -5.96
C PHE A 227 -25.01 1.67 -5.04
N THR A 228 -25.27 1.84 -3.74
CA THR A 228 -24.84 0.86 -2.75
C THR A 228 -25.98 0.21 -1.98
N THR A 229 -27.20 0.72 -2.08
CA THR A 229 -28.33 0.19 -1.34
C THR A 229 -29.52 0.02 -2.27
N ASN A 230 -30.35 -0.98 -1.98
CA ASN A 230 -31.55 -1.27 -2.74
C ASN A 230 -31.27 -1.18 -4.24
N LYS A 231 -30.32 -2.02 -4.67
CA LYS A 231 -29.83 -1.94 -6.04
C LYS A 231 -30.74 -2.69 -7.00
N THR A 232 -30.94 -2.12 -8.18
CA THR A 232 -31.70 -2.75 -9.24
C THR A 232 -30.82 -3.53 -10.21
N SER A 233 -29.53 -3.24 -10.26
CA SER A 233 -28.57 -3.98 -11.07
C SER A 233 -27.65 -4.79 -10.16
N PRO A 234 -26.93 -5.77 -10.71
CA PRO A 234 -26.11 -6.64 -9.87
C PRO A 234 -24.67 -6.18 -9.64
N PHE A 235 -24.24 -5.08 -10.24
CA PHE A 235 -22.84 -4.66 -10.16
C PHE A 235 -22.70 -3.36 -9.37
N ARG A 236 -21.49 -3.18 -8.83
CA ARG A 236 -21.15 -1.97 -8.09
C ARG A 236 -19.63 -1.87 -8.01
N ILE A 237 -19.14 -0.65 -7.78
CA ILE A 237 -17.71 -0.44 -7.61
C ILE A 237 -17.37 -0.62 -6.13
N ALA A 238 -16.09 -0.47 -5.80
CA ALA A 238 -15.66 -0.55 -4.41
C ALA A 238 -16.06 0.69 -3.65
N LYS A 239 -16.37 0.51 -2.37
CA LYS A 239 -16.61 1.63 -1.47
C LYS A 239 -15.25 2.19 -1.06
N ASP A 240 -14.76 3.14 -1.84
CA ASP A 240 -13.44 3.73 -1.61
C ASP A 240 -13.53 5.22 -1.90
N SER A 241 -12.39 5.90 -1.78
CA SER A 241 -12.28 7.31 -2.12
C SER A 241 -11.65 7.44 -3.49
N TYR A 242 -12.31 8.19 -4.37
CA TYR A 242 -11.83 8.37 -5.73
C TYR A 242 -11.56 9.86 -5.99
N LEU A 243 -10.74 10.10 -7.01
CA LEU A 243 -10.35 11.45 -7.41
C LEU A 243 -10.67 11.60 -8.89
N TRP A 244 -11.55 12.53 -9.22
CA TRP A 244 -11.98 12.78 -10.58
C TRP A 244 -11.45 14.12 -11.08
N MET A 245 -11.51 14.29 -12.39
CA MET A 245 -10.99 15.50 -13.03
C MET A 245 -11.77 15.77 -14.31
N SER A 246 -12.31 16.97 -14.42
CA SER A 246 -12.92 17.47 -15.65
C SER A 246 -12.15 18.69 -16.12
N TYR A 247 -12.16 18.94 -17.42
CA TYR A 247 -11.42 20.06 -17.97
C TYR A 247 -12.27 20.82 -18.97
N SER A 248 -11.90 22.07 -19.18
CA SER A 248 -12.56 22.95 -20.14
C SER A 248 -11.51 23.57 -21.05
N ASP A 249 -11.75 23.49 -22.36
CA ASP A 249 -10.86 24.07 -23.35
C ASP A 249 -11.38 25.38 -23.93
N ASP A 250 -12.45 25.93 -23.35
CA ASP A 250 -13.06 27.15 -23.84
C ASP A 250 -13.35 28.11 -22.69
N ASP A 251 -12.39 28.27 -21.77
CA ASP A 251 -12.46 29.27 -20.72
C ASP A 251 -13.56 28.99 -19.71
N GLY A 252 -13.94 27.72 -19.57
CA GLY A 252 -14.93 27.32 -18.61
C GLY A 252 -16.34 27.27 -19.12
N LYS A 253 -16.56 27.49 -20.42
CA LYS A 253 -17.91 27.49 -20.97
C LYS A 253 -18.49 26.08 -20.99
N THR A 254 -17.78 25.15 -21.62
CA THR A 254 -18.17 23.74 -21.62
C THR A 254 -17.05 22.93 -20.97
N TRP A 255 -17.42 21.78 -20.43
CA TRP A 255 -16.50 20.92 -19.69
C TRP A 255 -16.56 19.50 -20.21
N SER A 256 -15.47 18.77 -20.00
CA SER A 256 -15.37 17.40 -20.43
C SER A 256 -16.12 16.47 -19.47
N ALA A 257 -16.22 15.21 -19.87
CA ALA A 257 -16.74 14.21 -18.96
C ALA A 257 -15.70 13.92 -17.87
N PRO A 258 -16.13 13.44 -16.71
CA PRO A 258 -15.17 13.19 -15.63
C PRO A 258 -14.12 12.18 -16.05
N GLN A 259 -12.88 12.46 -15.66
CA GLN A 259 -11.75 11.56 -15.86
C GLN A 259 -11.36 10.99 -14.51
N ASP A 260 -11.26 9.67 -14.42
CA ASP A 260 -10.92 9.00 -13.17
C ASP A 260 -9.41 8.92 -13.08
N ILE A 261 -8.81 9.80 -12.28
CA ILE A 261 -7.37 9.83 -12.10
C ILE A 261 -6.93 9.11 -10.83
N THR A 262 -7.87 8.52 -10.08
CA THR A 262 -7.54 7.83 -8.84
C THR A 262 -6.38 6.86 -9.01
N PRO A 263 -6.46 5.89 -9.92
CA PRO A 263 -5.43 4.84 -9.96
C PRO A 263 -4.04 5.35 -10.30
N MET A 264 -3.90 6.59 -10.76
CA MET A 264 -2.59 7.12 -11.09
C MET A 264 -1.85 7.67 -9.88
N VAL A 265 -2.54 7.88 -8.74
CA VAL A 265 -1.94 8.58 -7.62
C VAL A 265 -2.23 7.89 -6.30
N LYS A 266 -3.29 7.09 -6.23
CA LYS A 266 -3.74 6.50 -4.98
C LYS A 266 -3.06 5.15 -4.74
N ALA A 267 -2.28 5.07 -3.66
CA ALA A 267 -1.65 3.83 -3.26
C ALA A 267 -2.65 2.92 -2.56
N ASP A 268 -2.31 1.63 -2.50
CA ASP A 268 -3.24 0.64 -1.92
C ASP A 268 -3.45 0.87 -0.43
N TRP A 269 -2.47 1.43 0.27
CA TRP A 269 -2.61 1.63 1.70
C TRP A 269 -3.51 2.82 2.04
N MET A 270 -3.70 3.75 1.11
CA MET A 270 -4.48 4.95 1.39
C MET A 270 -5.95 4.59 1.58
N LYS A 271 -6.56 5.16 2.61
CA LYS A 271 -7.99 4.99 2.86
C LYS A 271 -8.75 6.11 2.14
N PHE A 272 -8.54 7.34 2.59
CA PHE A 272 -9.10 8.52 1.95
C PHE A 272 -8.02 9.25 1.18
N LEU A 273 -8.38 9.77 0.01
CA LEU A 273 -7.50 10.63 -0.76
C LEU A 273 -8.37 11.72 -1.37
N GLY A 274 -8.23 12.94 -0.86
CA GLY A 274 -8.99 14.05 -1.36
C GLY A 274 -8.13 15.29 -1.46
N VAL A 275 -8.64 16.25 -2.22
CA VAL A 275 -7.90 17.46 -2.49
C VAL A 275 -8.11 18.46 -1.35
N GLY A 276 -7.19 19.41 -1.25
CA GLY A 276 -7.39 20.56 -0.42
C GLY A 276 -8.04 21.66 -1.22
N PRO A 277 -9.32 21.94 -0.95
CA PRO A 277 -10.06 22.88 -1.79
C PRO A 277 -9.31 24.18 -2.00
N GLY A 278 -9.60 24.83 -3.13
CA GLY A 278 -9.01 26.11 -3.45
C GLY A 278 -8.50 26.18 -4.88
N THR A 279 -7.32 26.74 -5.08
CA THR A 279 -6.74 26.90 -6.40
C THR A 279 -5.31 26.39 -6.40
N GLY A 280 -4.99 25.50 -7.34
CA GLY A 280 -3.63 25.05 -7.54
C GLY A 280 -2.80 26.08 -8.27
N ILE A 281 -1.55 25.71 -8.55
CA ILE A 281 -0.61 26.59 -9.23
C ILE A 281 0.15 25.80 -10.29
N VAL A 282 0.80 26.55 -11.18
CA VAL A 282 1.75 26.00 -12.14
C VAL A 282 3.11 26.63 -11.86
N LEU A 283 4.12 25.79 -11.67
CA LEU A 283 5.46 26.30 -11.41
C LEU A 283 5.91 27.21 -12.53
N ARG A 284 6.38 28.40 -12.17
CA ARG A 284 6.76 29.41 -13.13
C ARG A 284 8.26 29.60 -13.24
N ASN A 285 9.05 28.87 -12.45
CA ASN A 285 10.51 28.99 -12.51
C ASN A 285 11.12 27.71 -11.96
N GLY A 286 12.41 27.54 -12.22
CA GLY A 286 13.14 26.39 -11.73
C GLY A 286 13.19 25.27 -12.74
N PRO A 287 13.89 24.19 -12.39
CA PRO A 287 14.00 23.05 -13.31
C PRO A 287 12.68 22.34 -13.57
N HIS A 288 11.63 22.61 -12.78
CA HIS A 288 10.35 21.95 -12.95
C HIS A 288 9.26 22.92 -13.42
N LYS A 289 9.64 24.01 -14.08
CA LYS A 289 8.66 24.94 -14.63
C LYS A 289 7.70 24.19 -15.56
N GLY A 290 6.43 24.56 -15.48
CA GLY A 290 5.38 23.90 -16.22
C GLY A 290 4.66 22.83 -15.44
N ARG A 291 5.22 22.40 -14.31
CA ARG A 291 4.57 21.40 -13.48
C ARG A 291 3.36 21.98 -12.77
N ILE A 292 2.29 21.19 -12.75
CA ILE A 292 1.03 21.57 -12.10
C ILE A 292 1.00 20.92 -10.73
N LEU A 293 0.63 21.68 -9.70
CA LEU A 293 0.58 21.18 -8.34
C LEU A 293 -0.85 21.26 -7.82
N ILE A 294 -1.32 20.17 -7.21
CA ILE A 294 -2.67 20.07 -6.66
C ILE A 294 -2.58 19.63 -5.21
N PRO A 295 -2.93 20.48 -4.24
CA PRO A 295 -2.90 20.04 -2.85
C PRO A 295 -3.91 18.92 -2.58
N VAL A 296 -3.45 17.91 -1.84
CA VAL A 296 -4.29 16.79 -1.41
C VAL A 296 -3.87 16.37 -0.01
N TYR A 297 -4.67 15.51 0.61
CA TYR A 297 -4.33 14.92 1.89
C TYR A 297 -4.94 13.53 1.98
N THR A 298 -4.31 12.66 2.79
CA THR A 298 -4.68 11.27 2.86
C THR A 298 -4.93 10.85 4.30
N THR A 299 -5.43 9.62 4.45
CA THR A 299 -5.56 8.96 5.74
C THR A 299 -5.18 7.49 5.56
N ASN A 300 -4.65 6.89 6.62
CA ASN A 300 -4.33 5.46 6.60
C ASN A 300 -5.42 4.68 7.32
N ASN A 301 -5.29 3.35 7.26
CA ASN A 301 -6.23 2.47 7.94
C ASN A 301 -5.90 2.24 9.40
N VAL A 302 -4.93 2.97 9.94
CA VAL A 302 -4.53 2.79 11.34
C VAL A 302 -5.41 3.66 12.21
N SER A 303 -5.43 4.96 11.95
CA SER A 303 -6.21 5.90 12.77
C SER A 303 -7.10 6.80 11.92
N HIS A 304 -7.52 6.34 10.74
CA HIS A 304 -8.44 7.06 9.81
C HIS A 304 -8.44 8.61 9.90
N LEU A 305 -9.37 9.26 10.60
CA LEU A 305 -9.31 10.71 10.69
C LEU A 305 -8.93 11.14 12.08
N ASN A 306 -8.49 10.22 12.92
CA ASN A 306 -8.13 10.60 14.24
C ASN A 306 -6.71 11.02 14.31
N GLY A 307 -5.84 10.34 13.59
CA GLY A 307 -4.46 10.78 13.55
C GLY A 307 -3.61 10.54 12.32
N SER A 308 -4.21 10.17 11.21
CA SER A 308 -3.44 9.90 10.00
C SER A 308 -3.60 10.97 8.92
N GLN A 309 -4.37 12.03 9.14
CA GLN A 309 -4.55 13.06 8.12
C GLN A 309 -3.22 13.69 7.73
N SER A 310 -2.76 13.41 6.51
CA SER A 310 -1.46 13.84 6.03
C SER A 310 -1.60 14.58 4.72
N SER A 311 -0.89 15.70 4.60
CA SER A 311 -0.97 16.54 3.41
C SER A 311 0.13 16.19 2.42
N ARG A 312 -0.18 16.26 1.12
CA ARG A 312 0.79 15.94 0.07
C ARG A 312 0.42 16.66 -1.21
N ILE A 313 1.07 16.39 -2.33
CA ILE A 313 0.72 17.09 -3.53
C ILE A 313 0.78 16.16 -4.71
N ILE A 314 -0.11 16.29 -5.67
CA ILE A 314 0.06 15.50 -6.88
C ILE A 314 0.44 16.48 -7.99
N TYR A 315 1.01 15.98 -9.06
CA TYR A 315 1.52 16.85 -10.11
C TYR A 315 1.40 16.17 -11.46
N SER A 316 1.47 16.99 -12.51
CA SER A 316 1.45 16.53 -13.90
C SER A 316 2.54 17.28 -14.65
N ASP A 317 3.48 16.55 -15.24
CA ASP A 317 4.55 17.12 -16.03
C ASP A 317 4.24 17.13 -17.52
N ASP A 318 3.03 16.76 -17.92
CA ASP A 318 2.65 16.68 -19.32
C ASP A 318 1.33 17.39 -19.57
N HIS A 319 1.09 18.48 -18.85
CA HIS A 319 -0.07 19.35 -19.09
C HIS A 319 -1.38 18.61 -18.84
N GLY A 320 -1.41 17.82 -17.76
CA GLY A 320 -2.64 17.22 -17.29
C GLY A 320 -2.96 15.85 -17.84
N LYS A 321 -2.10 15.26 -18.67
CA LYS A 321 -2.38 13.94 -19.21
C LYS A 321 -2.23 12.87 -18.15
N THR A 322 -1.09 12.85 -17.45
CA THR A 322 -0.84 11.90 -16.39
C THR A 322 -0.56 12.64 -15.09
N TRP A 323 -0.87 11.98 -13.98
CA TRP A 323 -0.69 12.56 -12.66
C TRP A 323 0.13 11.63 -11.78
N HIS A 324 0.91 12.23 -10.90
CA HIS A 324 1.81 11.47 -10.03
C HIS A 324 1.68 12.01 -8.62
N ALA A 325 1.97 11.15 -7.65
CA ALA A 325 1.86 11.50 -6.24
C ALA A 325 3.24 11.78 -5.66
N GLY A 326 3.37 12.91 -4.98
CA GLY A 326 4.57 13.19 -4.24
C GLY A 326 4.54 12.54 -2.87
N GLU A 327 5.69 12.56 -2.20
CA GLU A 327 5.76 12.07 -0.84
C GLU A 327 5.06 13.03 0.10
N ALA A 328 4.48 12.49 1.17
CA ALA A 328 3.76 13.34 2.11
C ALA A 328 4.75 14.12 2.97
N VAL A 329 4.26 15.25 3.51
CA VAL A 329 5.07 16.02 4.46
C VAL A 329 5.38 15.19 5.68
N ASN A 330 4.46 14.31 6.09
CA ASN A 330 4.65 13.51 7.29
C ASN A 330 5.57 12.30 7.07
N ASP A 331 5.83 11.94 5.82
CA ASP A 331 6.68 10.78 5.54
C ASP A 331 8.09 11.00 6.05
N ASN A 332 8.49 10.19 7.04
CA ASN A 332 9.82 10.26 7.63
C ASN A 332 10.02 11.56 8.41
N ARG A 333 8.95 12.06 9.04
CA ARG A 333 9.02 13.26 9.85
C ARG A 333 9.27 12.85 11.30
N GLN A 334 10.11 13.61 11.98
CA GLN A 334 10.45 13.34 13.37
C GLN A 334 9.49 14.07 14.30
N VAL A 335 8.75 13.31 15.11
CA VAL A 335 7.76 13.86 16.03
C VAL A 335 8.05 13.29 17.41
N ASP A 336 8.44 14.15 18.34
CA ASP A 336 8.67 13.76 19.74
C ASP A 336 9.64 12.60 19.83
N GLY A 337 10.79 12.75 19.17
CA GLY A 337 11.83 11.75 19.23
C GLY A 337 11.56 10.46 18.48
N GLN A 338 10.54 10.41 17.64
CA GLN A 338 10.23 9.21 16.86
C GLN A 338 9.95 9.60 15.41
N LYS A 339 10.37 8.74 14.49
CA LYS A 339 10.02 8.91 13.08
C LYS A 339 8.61 8.39 12.83
N ILE A 340 7.97 8.93 11.80
CA ILE A 340 6.61 8.53 11.45
C ILE A 340 6.45 8.53 9.92
N HIS A 341 5.34 7.94 9.48
CA HIS A 341 4.97 7.87 8.07
C HIS A 341 3.47 8.07 7.95
N SER A 342 3.06 8.73 6.86
CA SER A 342 1.64 9.00 6.67
C SER A 342 0.81 7.72 6.65
N SER A 343 1.40 6.61 6.21
CA SER A 343 0.69 5.36 6.09
C SER A 343 0.58 4.59 7.40
N THR A 344 1.23 5.05 8.46
CA THR A 344 1.27 4.30 9.70
C THR A 344 1.10 5.15 10.95
N MET A 345 0.92 6.47 10.81
CA MET A 345 0.93 7.34 11.96
C MET A 345 -0.42 7.32 12.69
N ASN A 346 -0.37 7.67 13.98
CA ASN A 346 -1.56 7.81 14.82
C ASN A 346 -1.24 8.91 15.84
N ASN A 347 -1.11 10.13 15.35
CA ASN A 347 -0.74 11.29 16.16
C ASN A 347 -1.66 12.44 15.80
N ARG A 348 -2.65 12.68 16.65
CA ARG A 348 -3.65 13.71 16.37
C ARG A 348 -2.99 15.04 16.03
N ARG A 349 -2.05 15.48 16.86
CA ARG A 349 -1.47 16.81 16.68
C ARG A 349 -0.50 16.89 15.52
N ALA A 350 0.07 15.76 15.08
CA ALA A 350 0.99 15.80 13.95
C ALA A 350 0.29 15.81 12.60
N GLN A 351 -1.04 15.80 12.58
CA GLN A 351 -1.78 15.78 11.32
C GLN A 351 -1.56 17.08 10.55
N ASN A 352 -1.91 17.02 9.27
CA ASN A 352 -1.97 18.21 8.41
C ASN A 352 -2.93 17.85 7.28
N THR A 353 -3.91 18.72 7.05
CA THR A 353 -5.00 18.40 6.13
C THR A 353 -5.00 19.36 4.95
N GLU A 354 -6.20 19.74 4.46
CA GLU A 354 -6.35 20.74 3.42
C GLU A 354 -5.25 21.79 3.48
N SER A 355 -4.57 22.03 2.36
CA SER A 355 -3.49 23.01 2.33
C SER A 355 -3.59 23.83 1.05
N THR A 356 -2.73 24.85 0.97
CA THR A 356 -2.59 25.67 -0.21
C THR A 356 -1.11 25.83 -0.52
N VAL A 357 -0.76 25.81 -1.81
CA VAL A 357 0.63 25.73 -2.23
C VAL A 357 1.01 27.00 -2.97
N VAL A 358 2.28 27.37 -2.84
CA VAL A 358 2.82 28.58 -3.46
C VAL A 358 4.30 28.35 -3.75
N GLN A 359 4.76 28.86 -4.90
CA GLN A 359 6.16 28.78 -5.28
C GLN A 359 6.82 30.15 -5.14
N LEU A 360 8.03 30.16 -4.58
CA LEU A 360 8.80 31.39 -4.45
C LEU A 360 9.65 31.62 -5.68
N ASN A 361 10.18 32.84 -5.80
CA ASN A 361 11.08 33.16 -6.89
C ASN A 361 12.40 32.40 -6.79
N ASN A 362 12.74 31.89 -5.62
CA ASN A 362 13.97 31.12 -5.43
C ASN A 362 13.78 29.64 -5.74
N GLY A 363 12.65 29.25 -6.33
CA GLY A 363 12.39 27.89 -6.72
C GLY A 363 11.71 27.05 -5.65
N ASP A 364 11.89 27.40 -4.38
CA ASP A 364 11.30 26.63 -3.30
C ASP A 364 9.77 26.69 -3.38
N VAL A 365 9.14 25.67 -2.78
CA VAL A 365 7.68 25.57 -2.76
C VAL A 365 7.23 25.52 -1.31
N LYS A 366 6.25 26.36 -0.96
CA LYS A 366 5.72 26.44 0.39
C LYS A 366 4.33 25.82 0.43
N LEU A 367 4.05 25.07 1.49
CA LEU A 367 2.75 24.43 1.69
C LEU A 367 2.15 24.92 3.00
N PHE A 368 1.08 25.69 2.90
CA PHE A 368 0.37 26.19 4.09
C PHE A 368 -0.74 25.19 4.42
N MET A 369 -0.59 24.50 5.54
CA MET A 369 -1.42 23.34 5.85
C MET A 369 -2.34 23.63 7.02
N ARG A 370 -3.59 23.20 6.88
CA ARG A 370 -4.56 23.25 7.97
C ARG A 370 -4.18 22.22 9.03
N GLY A 371 -3.98 22.68 10.26
CA GLY A 371 -3.53 21.81 11.32
C GLY A 371 -4.23 22.06 12.65
N LEU A 372 -3.67 21.51 13.72
CA LEU A 372 -4.27 21.57 15.05
C LEU A 372 -3.35 22.23 16.07
N THR A 373 -2.36 22.99 15.63
CA THR A 373 -1.43 23.65 16.53
C THR A 373 -1.90 25.03 16.96
N GLY A 374 -3.02 25.52 16.43
CA GLY A 374 -3.54 26.81 16.78
C GLY A 374 -2.98 27.96 15.96
N ASP A 375 -1.82 27.79 15.34
CA ASP A 375 -1.23 28.81 14.49
C ASP A 375 -0.84 28.17 13.14
N LEU A 376 -0.26 28.99 12.28
CA LEU A 376 0.00 28.59 10.90
C LEU A 376 1.20 27.65 10.83
N GLN A 377 1.05 26.55 10.10
CA GLN A 377 2.13 25.62 9.82
C GLN A 377 2.50 25.69 8.35
N VAL A 378 3.80 25.73 8.06
CA VAL A 378 4.30 25.88 6.71
C VAL A 378 5.41 24.87 6.47
N ALA A 379 5.28 24.10 5.38
CA ALA A 379 6.32 23.18 4.93
C ALA A 379 6.99 23.74 3.68
N THR A 380 8.20 23.25 3.41
CA THR A 380 9.00 23.73 2.30
C THR A 380 9.52 22.55 1.48
N SER A 381 9.67 22.77 0.17
CA SER A 381 10.18 21.75 -0.74
C SER A 381 11.12 22.38 -1.75
N LYS A 382 12.23 21.69 -2.03
CA LYS A 382 13.23 22.19 -2.96
C LYS A 382 13.23 21.45 -4.30
N ASP A 383 12.36 20.46 -4.47
CA ASP A 383 12.34 19.65 -5.68
C ASP A 383 10.95 19.60 -6.30
N GLY A 384 10.23 20.72 -6.23
CA GLY A 384 8.94 20.80 -6.89
C GLY A 384 7.81 20.11 -6.17
N GLY A 385 7.86 20.03 -4.84
CA GLY A 385 6.78 19.46 -4.07
C GLY A 385 6.80 17.96 -3.91
N VAL A 386 7.87 17.29 -4.36
CA VAL A 386 7.95 15.83 -4.22
C VAL A 386 8.33 15.46 -2.80
N THR A 387 9.35 16.12 -2.25
CA THR A 387 9.81 15.87 -0.88
C THR A 387 9.85 17.19 -0.12
N TRP A 388 9.82 17.09 1.20
CA TRP A 388 9.68 18.23 2.10
C TRP A 388 10.82 18.23 3.11
N GLU A 389 11.11 19.43 3.63
CA GLU A 389 12.26 19.62 4.51
C GLU A 389 12.02 18.98 5.87
N LYS A 390 13.07 18.99 6.68
CA LYS A 390 13.02 18.34 7.99
C LYS A 390 12.01 19.03 8.91
N ASP A 391 12.14 20.34 9.07
CA ASP A 391 11.43 21.08 10.09
C ASP A 391 10.23 21.79 9.50
N ILE A 392 9.09 21.68 10.17
CA ILE A 392 7.88 22.41 9.78
C ILE A 392 7.86 23.73 10.55
N LYS A 393 7.85 24.83 9.83
CA LYS A 393 7.86 26.15 10.45
C LYS A 393 6.45 26.52 10.93
N ARG A 394 6.39 27.07 12.14
CA ARG A 394 5.16 27.59 12.72
C ARG A 394 5.25 29.10 12.88
N TYR A 395 4.14 29.77 12.63
CA TYR A 395 4.06 31.23 12.70
C TYR A 395 2.95 31.62 13.65
N PRO A 396 3.25 31.92 14.92
CA PRO A 396 2.17 32.30 15.85
C PRO A 396 1.49 33.60 15.46
N GLN A 397 2.10 34.42 14.62
CA GLN A 397 1.46 35.66 14.20
C GLN A 397 0.16 35.42 13.44
N VAL A 398 0.01 34.23 12.84
CA VAL A 398 -1.18 33.89 12.06
C VAL A 398 -1.86 32.72 12.75
N LYS A 399 -3.08 32.95 13.22
CA LYS A 399 -3.83 31.93 13.94
C LYS A 399 -4.49 30.96 12.96
N ASP A 400 -4.46 29.68 13.29
CA ASP A 400 -5.11 28.64 12.52
C ASP A 400 -6.16 27.99 13.41
N VAL A 401 -7.43 28.27 13.15
CA VAL A 401 -8.53 27.72 13.93
C VAL A 401 -8.99 26.40 13.31
N TYR A 402 -8.10 25.74 12.58
CA TYR A 402 -8.39 24.46 11.93
C TYR A 402 -9.52 24.62 10.91
N VAL A 403 -9.21 25.37 9.85
CA VAL A 403 -10.13 25.62 8.75
C VAL A 403 -9.30 25.86 7.50
N GLN A 404 -9.94 25.68 6.35
CA GLN A 404 -9.24 25.84 5.07
C GLN A 404 -8.69 27.25 4.94
N MET A 405 -7.64 27.39 4.14
CA MET A 405 -7.02 28.68 3.87
C MET A 405 -6.48 28.68 2.46
N SER A 406 -6.25 29.87 1.92
CA SER A 406 -5.71 30.02 0.58
C SER A 406 -4.65 31.12 0.56
N ALA A 407 -3.58 30.88 -0.18
CA ALA A 407 -2.49 31.84 -0.30
C ALA A 407 -2.05 31.94 -1.76
N ILE A 408 -1.59 33.12 -2.14
CA ILE A 408 -1.10 33.38 -3.50
C ILE A 408 0.18 34.20 -3.41
N HIS A 409 0.99 34.07 -4.47
CA HIS A 409 2.21 34.84 -4.61
C HIS A 409 1.91 36.13 -5.37
N THR A 410 2.57 37.22 -4.95
CA THR A 410 2.37 38.51 -5.59
C THR A 410 3.64 39.34 -5.46
N MET A 411 3.87 40.20 -6.44
CA MET A 411 5.00 41.12 -6.45
C MET A 411 4.50 42.55 -6.39
N HIS A 412 5.33 43.44 -5.86
CA HIS A 412 4.97 44.85 -5.79
C HIS A 412 6.24 45.69 -5.83
N GLU A 413 6.40 46.44 -6.92
CA GLU A 413 7.54 47.33 -7.10
C GLU A 413 8.86 46.61 -6.84
N GLY A 414 8.94 45.37 -7.33
CA GLY A 414 10.15 44.59 -7.22
C GLY A 414 10.35 43.88 -5.89
N LYS A 415 9.32 43.83 -5.04
CA LYS A 415 9.41 43.19 -3.74
C LYS A 415 8.51 41.96 -3.73
N GLU A 416 8.98 40.88 -3.12
CA GLU A 416 8.26 39.62 -3.14
C GLU A 416 7.38 39.51 -1.90
N TYR A 417 6.10 39.23 -2.10
CA TYR A 417 5.15 39.11 -1.00
C TYR A 417 4.32 37.86 -1.18
N ILE A 418 3.63 37.47 -0.10
CA ILE A 418 2.68 36.37 -0.13
C ILE A 418 1.46 36.79 0.67
N ILE A 419 0.28 36.66 0.07
CA ILE A 419 -0.98 36.97 0.74
C ILE A 419 -1.63 35.66 1.17
N LEU A 420 -2.09 35.61 2.42
CA LEU A 420 -2.80 34.46 2.95
C LEU A 420 -4.03 34.94 3.71
N SER A 421 -5.14 34.23 3.51
CA SER A 421 -6.41 34.56 4.13
C SER A 421 -6.98 33.35 4.83
N ASN A 422 -7.66 33.59 5.95
CA ASN A 422 -8.29 32.54 6.74
C ASN A 422 -9.03 33.22 7.89
N ALA A 423 -9.82 32.42 8.61
CA ALA A 423 -10.53 32.94 9.76
C ALA A 423 -9.55 33.44 10.81
N GLY A 424 -9.87 34.58 11.42
CA GLY A 424 -9.00 35.17 12.42
C GLY A 424 -9.27 34.70 13.82
N GLY A 425 -10.40 34.05 14.04
CA GLY A 425 -10.81 33.63 15.35
C GLY A 425 -11.87 34.54 15.91
N PRO A 426 -12.53 34.13 17.00
CA PRO A 426 -12.20 33.04 17.92
C PRO A 426 -12.56 31.66 17.40
N LYS A 427 -13.58 31.61 16.54
CA LYS A 427 -13.99 30.40 15.85
C LYS A 427 -13.86 30.66 14.35
N ARG A 428 -14.73 30.05 13.54
CA ARG A 428 -14.78 30.34 12.11
C ARG A 428 -15.48 31.71 11.93
N GLU A 429 -14.76 32.75 12.36
CA GLU A 429 -15.31 34.09 12.40
C GLU A 429 -14.23 35.09 12.03
N ASN A 430 -14.68 36.27 11.62
CA ASN A 430 -13.79 37.39 11.32
C ASN A 430 -12.69 37.00 10.33
N GLY A 431 -13.03 36.92 9.05
CA GLY A 431 -12.04 36.58 8.06
C GLY A 431 -10.92 37.61 8.02
N MET A 432 -9.70 37.11 7.86
CA MET A 432 -8.51 37.96 7.89
C MET A 432 -7.74 37.85 6.57
N VAL A 433 -6.93 38.86 6.32
CA VAL A 433 -6.01 38.88 5.19
C VAL A 433 -4.64 39.24 5.74
N HIS A 434 -3.72 38.29 5.70
CA HIS A 434 -2.38 38.47 6.25
C HIS A 434 -1.39 38.72 5.13
N LEU A 435 -0.46 39.64 5.35
CA LEU A 435 0.56 39.99 4.37
C LEU A 435 1.93 39.64 4.94
N ALA A 436 2.75 38.99 4.11
CA ALA A 436 4.07 38.56 4.53
C ALA A 436 5.11 38.94 3.47
N ARG A 437 6.32 39.23 3.95
CA ARG A 437 7.44 39.53 3.08
C ARG A 437 8.29 38.27 2.91
N VAL A 438 8.67 37.98 1.66
CA VAL A 438 9.52 36.85 1.35
C VAL A 438 10.97 37.33 1.42
N GLU A 439 11.67 36.94 2.49
CA GLU A 439 13.05 37.37 2.66
C GLU A 439 13.96 36.61 1.69
N GLU A 440 15.19 37.12 1.54
CA GLU A 440 16.12 36.52 0.59
C GLU A 440 16.51 35.10 0.98
N ASN A 441 16.51 34.80 2.28
CA ASN A 441 16.88 33.46 2.73
C ASN A 441 15.76 32.45 2.53
N GLY A 442 14.57 32.90 2.14
CA GLY A 442 13.42 32.03 2.01
C GLY A 442 12.43 32.10 3.16
N GLU A 443 12.76 32.82 4.22
CA GLU A 443 11.87 32.93 5.37
C GLU A 443 10.78 33.96 5.10
N LEU A 444 9.80 33.97 6.00
CA LEU A 444 8.62 34.83 5.90
C LEU A 444 8.59 35.79 7.07
N THR A 445 8.24 37.04 6.80
CA THR A 445 8.04 38.07 7.82
C THR A 445 6.63 38.61 7.67
N TRP A 446 5.78 38.37 8.67
CA TRP A 446 4.39 38.80 8.62
C TRP A 446 4.31 40.26 9.02
N LEU A 447 3.72 41.07 8.14
CA LEU A 447 3.73 42.52 8.30
C LEU A 447 2.41 43.03 8.87
N LYS A 448 1.31 42.86 8.15
CA LYS A 448 0.02 43.39 8.57
C LYS A 448 -1.04 42.31 8.52
N HIS A 449 -2.13 42.55 9.25
CA HIS A 449 -3.24 41.61 9.35
C HIS A 449 -4.53 42.44 9.36
N ASN A 450 -5.16 42.55 8.20
CA ASN A 450 -6.34 43.40 8.04
C ASN A 450 -7.59 42.54 7.89
N PRO A 451 -8.67 42.85 8.61
CA PRO A 451 -9.90 42.04 8.47
C PRO A 451 -10.59 42.33 7.16
N ILE A 452 -11.24 41.30 6.61
CA ILE A 452 -11.93 41.43 5.34
C ILE A 452 -13.42 41.14 5.44
N GLN A 453 -13.89 40.51 6.51
CA GLN A 453 -15.31 40.16 6.67
C GLN A 453 -15.57 39.82 8.13
N LYS A 454 -16.46 40.56 8.76
CA LYS A 454 -16.89 40.25 10.11
C LYS A 454 -17.96 39.16 10.07
N GLY A 455 -18.03 38.37 11.14
CA GLY A 455 -18.99 37.30 11.21
C GLY A 455 -18.43 35.98 10.71
N GLU A 456 -19.35 35.06 10.41
CA GLU A 456 -19.00 33.73 9.95
C GLU A 456 -18.07 33.80 8.75
N PHE A 457 -17.05 32.93 8.74
CA PHE A 457 -16.05 32.95 7.68
C PHE A 457 -15.28 31.64 7.72
N ALA A 458 -15.44 30.82 6.68
CA ALA A 458 -14.79 29.51 6.62
C ALA A 458 -14.51 29.19 5.17
N TYR A 459 -13.31 28.67 4.88
CA TYR A 459 -12.96 28.32 3.52
C TYR A 459 -13.06 29.51 2.56
N ASN A 460 -11.90 29.96 2.06
CA ASN A 460 -11.81 31.04 1.09
C ASN A 460 -10.82 30.68 -0.01
N SER A 461 -10.73 31.52 -1.04
CA SER A 461 -9.80 31.29 -2.13
C SER A 461 -9.37 32.62 -2.74
N LEU A 462 -8.07 32.87 -2.74
CA LEU A 462 -7.52 34.13 -3.24
C LEU A 462 -7.05 33.98 -4.68
N GLN A 463 -7.12 35.09 -5.41
CA GLN A 463 -6.62 35.19 -6.78
C GLN A 463 -6.21 36.62 -7.04
N GLU A 464 -5.11 36.79 -7.77
CA GLU A 464 -4.66 38.12 -8.17
C GLU A 464 -5.37 38.51 -9.46
N LEU A 465 -5.90 39.73 -9.48
CA LEU A 465 -6.68 40.19 -10.63
C LEU A 465 -5.89 41.05 -11.60
N GLY A 466 -4.73 41.56 -11.21
CA GLY A 466 -3.96 42.45 -12.05
C GLY A 466 -4.18 43.91 -11.66
N ASN A 467 -3.32 44.77 -12.18
CA ASN A 467 -3.41 46.22 -11.91
C ASN A 467 -3.54 46.46 -10.42
N GLY A 468 -2.76 45.70 -9.64
CA GLY A 468 -2.69 45.91 -8.21
C GLY A 468 -3.97 45.58 -7.48
N GLU A 469 -4.84 44.77 -8.09
CA GLU A 469 -6.14 44.43 -7.56
C GLU A 469 -6.15 42.94 -7.23
N TYR A 470 -6.92 42.57 -6.21
CA TYR A 470 -6.98 41.19 -5.75
C TYR A 470 -8.42 40.81 -5.44
N GLY A 471 -8.80 39.59 -5.81
CA GLY A 471 -10.11 39.07 -5.53
C GLY A 471 -10.11 37.96 -4.50
N ILE A 472 -11.25 37.69 -3.87
CA ILE A 472 -11.35 36.63 -2.88
C ILE A 472 -12.78 36.10 -2.87
N LEU A 473 -12.91 34.78 -2.92
CA LEU A 473 -14.20 34.10 -2.76
C LEU A 473 -14.18 33.33 -1.44
N TYR A 474 -15.24 33.49 -0.65
CA TYR A 474 -15.24 32.93 0.69
C TYR A 474 -16.67 32.58 1.11
N GLU A 475 -16.77 31.71 2.11
CA GLU A 475 -18.04 31.32 2.68
C GLU A 475 -18.40 32.26 3.82
N HIS A 476 -19.69 32.60 3.92
CA HIS A 476 -20.16 33.51 4.96
C HIS A 476 -21.66 33.40 5.08
N THR A 477 -22.17 33.58 6.29
CA THR A 477 -23.61 33.60 6.54
C THR A 477 -23.99 34.84 7.33
N GLU A 478 -25.26 35.20 7.19
CA GLU A 478 -25.87 36.32 7.92
C GLU A 478 -27.36 36.26 7.64
N LYS A 479 -28.14 36.83 8.54
CA LYS A 479 -29.59 36.87 8.39
C LYS A 479 -30.18 35.47 8.27
N GLY A 480 -29.63 34.53 9.04
CA GLY A 480 -30.18 33.19 9.03
C GLY A 480 -29.97 32.43 7.74
N GLN A 481 -28.94 32.78 6.96
CA GLN A 481 -28.66 32.04 5.74
C GLN A 481 -28.13 30.66 6.08
N ASN A 482 -28.54 29.66 5.29
CA ASN A 482 -28.12 28.30 5.54
C ASN A 482 -26.61 28.16 5.37
N ALA A 483 -26.09 27.09 5.96
CA ALA A 483 -24.66 26.74 6.01
C ALA A 483 -23.69 27.82 5.55
N TYR A 484 -23.53 28.01 4.23
CA TYR A 484 -22.68 29.07 3.71
C TYR A 484 -23.10 29.60 2.36
N THR A 485 -23.24 30.92 2.27
CA THR A 485 -23.31 31.64 1.00
C THR A 485 -21.93 32.15 0.61
N LEU A 486 -21.50 31.86 -0.62
CA LEU A 486 -20.17 32.25 -1.10
C LEU A 486 -20.23 33.65 -1.71
N SER A 487 -19.44 34.57 -1.17
CA SER A 487 -19.42 35.96 -1.60
C SER A 487 -18.03 36.35 -2.12
N PHE A 488 -17.99 37.44 -2.89
CA PHE A 488 -16.79 37.89 -3.58
C PHE A 488 -16.50 39.34 -3.25
N ARG A 489 -15.22 39.69 -3.18
CA ARG A 489 -14.80 41.05 -2.88
C ARG A 489 -13.49 41.35 -3.60
N LYS A 490 -13.24 42.63 -3.84
CA LYS A 490 -11.98 43.10 -4.39
C LYS A 490 -11.28 44.03 -3.40
N PHE A 491 -9.95 44.11 -3.54
CA PHE A 491 -9.17 45.07 -2.75
C PHE A 491 -7.83 45.31 -3.44
N ASN A 492 -7.19 46.41 -3.07
CA ASN A 492 -5.93 46.84 -3.67
C ASN A 492 -4.81 46.76 -2.63
N TRP A 493 -3.58 46.97 -3.12
CA TRP A 493 -2.37 46.95 -2.33
C TRP A 493 -2.37 47.88 -1.16
N ASP A 494 -3.10 48.98 -1.27
CA ASP A 494 -3.20 49.91 -0.17
C ASP A 494 -4.04 49.33 0.94
N PHE A 495 -4.99 48.48 0.61
CA PHE A 495 -5.80 47.79 1.60
C PHE A 495 -4.98 46.71 2.27
N LEU A 496 -4.04 46.16 1.53
CA LEU A 496 -3.15 45.15 2.03
C LEU A 496 -2.08 45.68 2.97
N SER A 497 -1.52 46.87 2.73
CA SER A 497 -0.44 47.49 3.50
C SER A 497 -1.04 48.29 4.66
N LYS A 498 -1.67 47.57 5.58
CA LYS A 498 -2.40 48.17 6.70
C LYS A 498 -3.48 49.12 6.21
N GLY B 27 6.55 -56.04 4.03
CA GLY B 27 5.30 -55.36 4.30
C GLY B 27 5.47 -53.87 4.50
N ALA B 28 5.01 -53.38 5.66
CA ALA B 28 5.07 -51.96 5.95
C ALA B 28 6.37 -51.68 6.70
N ALA B 29 7.15 -50.73 6.20
CA ALA B 29 8.46 -50.44 6.74
C ALA B 29 8.63 -48.95 6.96
N LEU B 30 9.25 -48.60 8.08
CA LEU B 30 9.62 -47.22 8.39
C LEU B 30 11.05 -47.26 8.93
N THR B 31 11.96 -46.56 8.28
CA THR B 31 13.36 -46.66 8.65
C THR B 31 13.63 -45.88 9.93
N GLU B 32 14.75 -46.20 10.57
CA GLU B 32 15.18 -45.45 11.74
C GLU B 32 15.59 -44.04 11.32
N LYS B 33 15.51 -43.12 12.28
CA LYS B 33 15.81 -41.73 11.99
C LYS B 33 17.31 -41.50 11.83
N THR B 34 17.66 -40.67 10.85
CA THR B 34 19.05 -40.32 10.56
C THR B 34 19.22 -38.82 10.79
N ASP B 35 20.02 -38.45 11.80
CA ASP B 35 20.24 -37.05 12.12
C ASP B 35 21.04 -36.39 11.01
N ILE B 36 20.42 -35.45 10.30
CA ILE B 36 21.09 -34.72 9.23
C ILE B 36 21.85 -33.51 9.79
N PHE B 37 21.17 -32.69 10.58
CA PHE B 37 21.75 -31.51 11.21
C PHE B 37 21.62 -31.71 12.72
N GLU B 38 22.66 -32.24 13.35
CA GLU B 38 22.62 -32.53 14.78
C GLU B 38 22.99 -31.27 15.55
N SER B 39 22.08 -30.82 16.41
CA SER B 39 22.30 -29.62 17.21
C SER B 39 23.14 -29.97 18.44
N GLY B 40 23.42 -28.95 19.25
CA GLY B 40 24.13 -29.17 20.50
C GLY B 40 23.24 -29.75 21.57
N ARG B 41 23.75 -29.78 22.80
CA ARG B 41 23.07 -30.37 23.90
C ARG B 41 23.11 -29.51 25.12
N ASN B 42 22.05 -29.51 25.91
CA ASN B 42 21.97 -28.72 27.13
C ASN B 42 22.43 -27.28 27.08
N GLY B 43 22.08 -26.58 26.01
CA GLY B 43 22.45 -25.20 25.82
C GLY B 43 23.87 -25.00 25.37
N LYS B 44 24.53 -26.06 24.94
CA LYS B 44 25.90 -25.93 24.54
C LYS B 44 26.02 -26.16 23.08
N PRO B 45 27.09 -25.69 22.48
CA PRO B 45 27.23 -25.89 21.05
C PRO B 45 27.65 -27.30 20.67
N ASN B 46 27.59 -27.59 19.38
CA ASN B 46 27.99 -28.88 18.88
C ASN B 46 29.49 -28.86 18.53
N LYS B 47 30.04 -29.93 18.00
CA LYS B 47 31.47 -29.98 17.70
C LYS B 47 31.89 -28.86 16.75
N ASP B 48 30.96 -28.34 15.95
CA ASP B 48 31.26 -27.30 14.98
C ASP B 48 30.95 -25.89 15.47
N GLY B 49 30.52 -25.74 16.72
CA GLY B 49 30.15 -24.44 17.25
C GLY B 49 28.72 -24.01 16.98
N ILE B 50 27.86 -24.93 16.52
CA ILE B 50 26.47 -24.62 16.23
C ILE B 50 25.64 -25.02 17.43
N LYS B 51 24.76 -24.12 17.87
CA LYS B 51 23.87 -24.41 18.99
C LYS B 51 22.62 -25.13 18.54
N SER B 52 21.91 -24.58 17.55
CA SER B 52 20.59 -25.11 17.17
C SER B 52 20.47 -25.17 15.66
N TYR B 53 19.52 -26.00 15.21
CA TYR B 53 19.09 -26.06 13.83
C TYR B 53 17.56 -26.01 13.82
N ARG B 54 17.00 -25.42 12.77
CA ARG B 54 15.55 -25.30 12.70
C ARG B 54 15.11 -25.13 11.25
N ILE B 55 13.81 -25.28 11.03
CA ILE B 55 13.15 -24.97 9.76
C ILE B 55 13.69 -25.87 8.65
N PRO B 56 13.27 -27.12 8.59
CA PRO B 56 13.76 -28.02 7.54
C PRO B 56 13.09 -27.76 6.21
N ALA B 57 13.76 -28.24 5.15
CA ALA B 57 13.21 -28.18 3.80
C ALA B 57 13.85 -29.30 3.00
N LEU B 58 13.01 -30.16 2.41
CA LEU B 58 13.47 -31.33 1.66
C LEU B 58 13.01 -31.20 0.23
N LEU B 59 13.92 -31.50 -0.71
CA LEU B 59 13.64 -31.38 -2.13
C LEU B 59 14.27 -32.55 -2.87
N LYS B 60 13.48 -33.20 -3.72
CA LYS B 60 14.00 -34.22 -4.63
C LYS B 60 14.21 -33.57 -5.99
N THR B 61 15.46 -33.53 -6.45
CA THR B 61 15.75 -32.89 -7.72
C THR B 61 15.43 -33.87 -8.86
N ASP B 62 15.55 -33.36 -10.09
CA ASP B 62 15.31 -34.20 -11.26
C ASP B 62 16.35 -35.30 -11.38
N LYS B 63 17.58 -35.02 -10.98
CA LYS B 63 18.70 -35.94 -11.09
C LYS B 63 18.67 -37.04 -10.02
N GLY B 64 17.59 -37.13 -9.26
CA GLY B 64 17.49 -38.09 -8.17
C GLY B 64 18.14 -37.66 -6.88
N THR B 65 18.74 -36.47 -6.84
CA THR B 65 19.40 -35.98 -5.64
C THR B 65 18.39 -35.46 -4.63
N LEU B 66 18.72 -35.62 -3.35
CA LEU B 66 17.94 -35.06 -2.25
C LEU B 66 18.70 -33.87 -1.67
N ILE B 67 18.02 -32.74 -1.57
CA ILE B 67 18.58 -31.54 -0.95
C ILE B 67 17.83 -31.28 0.34
N ALA B 68 18.56 -31.28 1.45
CA ALA B 68 18.01 -30.97 2.78
C ALA B 68 18.54 -29.61 3.22
N GLY B 69 17.63 -28.65 3.39
CA GLY B 69 18.00 -27.32 3.84
C GLY B 69 17.62 -27.06 5.28
N ALA B 70 18.23 -26.04 5.89
CA ALA B 70 17.96 -25.77 7.31
C ALA B 70 18.49 -24.39 7.67
N ASP B 71 18.17 -23.98 8.90
CA ASP B 71 18.68 -22.74 9.48
C ASP B 71 19.78 -23.08 10.47
N GLU B 72 20.98 -22.55 10.21
CA GLU B 72 22.15 -22.79 11.06
C GLU B 72 22.20 -21.70 12.14
N ARG B 73 21.78 -22.05 13.35
CA ARG B 73 21.75 -21.10 14.47
C ARG B 73 22.99 -21.29 15.33
N ARG B 74 23.92 -20.34 15.22
CA ARG B 74 25.24 -20.46 15.83
C ARG B 74 25.30 -20.01 17.29
N LEU B 75 24.31 -19.26 17.76
CA LEU B 75 24.39 -18.67 19.09
C LEU B 75 23.23 -19.04 20.02
N HIS B 76 22.03 -19.28 19.49
CA HIS B 76 20.90 -19.65 20.33
C HIS B 76 19.79 -20.18 19.43
N SER B 77 18.68 -20.56 20.04
CA SER B 77 17.57 -21.17 19.32
C SER B 77 16.48 -20.18 18.92
N SER B 78 16.54 -18.94 19.42
CA SER B 78 15.47 -17.98 19.14
C SER B 78 15.45 -17.62 17.65
N ASP B 79 14.34 -17.00 17.24
CA ASP B 79 14.12 -16.65 15.84
C ASP B 79 14.87 -15.40 15.41
N TRP B 80 16.15 -15.30 15.76
CA TRP B 80 16.98 -14.16 15.35
C TRP B 80 18.43 -14.51 15.67
N GLY B 81 19.32 -13.57 15.39
CA GLY B 81 20.75 -13.78 15.61
C GLY B 81 21.47 -14.15 14.34
N ASP B 82 22.73 -14.53 14.51
CA ASP B 82 23.56 -14.96 13.37
C ASP B 82 23.07 -16.31 12.89
N ILE B 83 22.29 -16.30 11.81
CA ILE B 83 21.73 -17.51 11.23
C ILE B 83 22.20 -17.63 9.80
N GLY B 84 22.56 -18.85 9.40
CA GLY B 84 23.01 -19.11 8.04
C GLY B 84 22.09 -20.12 7.36
N MET B 85 21.98 -19.98 6.05
CA MET B 85 21.15 -20.85 5.22
C MET B 85 22.04 -21.94 4.65
N VAL B 86 21.94 -23.15 5.19
CA VAL B 86 22.78 -24.27 4.78
C VAL B 86 21.91 -25.37 4.20
N ILE B 87 22.55 -26.23 3.41
CA ILE B 87 21.90 -27.40 2.83
C ILE B 87 22.91 -28.55 2.80
N ARG B 88 22.38 -29.77 2.68
CA ARG B 88 23.21 -30.95 2.48
C ARG B 88 22.60 -31.79 1.36
N ARG B 89 23.47 -32.53 0.66
CA ARG B 89 23.06 -33.28 -0.52
C ARG B 89 23.18 -34.78 -0.27
N SER B 90 22.29 -35.54 -0.91
CA SER B 90 22.33 -37.00 -0.88
C SER B 90 21.98 -37.53 -2.26
N GLU B 91 22.89 -38.31 -2.85
CA GLU B 91 22.67 -38.91 -4.16
C GLU B 91 22.25 -40.37 -4.07
N ASP B 92 22.04 -40.91 -2.86
CA ASP B 92 21.66 -42.30 -2.67
C ASP B 92 20.42 -42.39 -1.77
N ASN B 93 19.40 -41.60 -2.09
CA ASN B 93 18.12 -41.64 -1.37
C ASN B 93 18.29 -41.54 0.14
N GLY B 94 19.29 -40.79 0.58
CA GLY B 94 19.42 -40.45 1.98
C GLY B 94 20.28 -41.37 2.80
N LYS B 95 20.95 -42.35 2.18
CA LYS B 95 21.84 -43.23 2.95
C LYS B 95 23.07 -42.48 3.42
N THR B 96 23.62 -41.61 2.57
CA THR B 96 24.76 -40.78 2.93
C THR B 96 24.47 -39.35 2.52
N TRP B 97 25.13 -38.41 3.20
CA TRP B 97 24.96 -36.99 2.94
C TRP B 97 26.33 -36.33 2.86
N GLY B 98 26.44 -35.33 1.98
CA GLY B 98 27.71 -34.67 1.79
C GLY B 98 27.96 -33.61 2.83
N ASP B 99 29.06 -32.88 2.65
CA ASP B 99 29.43 -31.84 3.58
C ASP B 99 28.41 -30.70 3.53
N ARG B 100 28.44 -29.86 4.57
CA ARG B 100 27.56 -28.71 4.63
C ARG B 100 27.90 -27.72 3.52
N VAL B 101 26.87 -27.24 2.84
CA VAL B 101 27.00 -26.18 1.84
C VAL B 101 26.20 -24.99 2.35
N THR B 102 26.88 -23.87 2.56
CA THR B 102 26.24 -22.66 3.07
C THR B 102 25.85 -21.77 1.89
N ILE B 103 24.58 -21.40 1.82
CA ILE B 103 24.10 -20.55 0.74
C ILE B 103 24.35 -19.08 1.06
N THR B 104 24.01 -18.66 2.27
CA THR B 104 24.15 -17.26 2.65
C THR B 104 24.27 -17.17 4.16
N ASN B 105 25.16 -16.29 4.62
CA ASN B 105 25.33 -16.08 6.07
C ASN B 105 25.98 -14.71 6.25
N LEU B 106 25.12 -13.70 6.43
CA LEU B 106 25.57 -12.33 6.62
C LEU B 106 26.47 -12.21 7.84
N ARG B 107 27.54 -11.43 7.71
CA ARG B 107 28.44 -11.23 8.83
C ARG B 107 27.75 -10.36 9.89
N ASP B 108 28.02 -10.66 11.16
CA ASP B 108 27.41 -9.93 12.25
C ASP B 108 28.19 -8.64 12.54
N ASN B 109 27.58 -7.78 13.35
CA ASN B 109 28.18 -6.49 13.69
C ASN B 109 29.21 -6.67 14.80
N PRO B 110 30.49 -6.42 14.53
CA PRO B 110 31.53 -6.67 15.55
C PRO B 110 31.42 -5.75 16.75
N LYS B 111 30.63 -4.68 16.68
CA LYS B 111 30.49 -3.72 17.76
C LYS B 111 29.13 -3.81 18.44
N ALA B 112 28.27 -4.76 18.04
CA ALA B 112 26.95 -4.86 18.64
C ALA B 112 27.08 -5.08 20.14
N SER B 113 26.12 -4.50 20.89
CA SER B 113 26.14 -4.63 22.34
C SER B 113 25.68 -6.02 22.76
N ASP B 114 24.55 -6.48 22.21
CA ASP B 114 23.97 -7.77 22.54
C ASP B 114 24.16 -8.76 21.40
N PRO B 115 25.15 -9.65 21.47
CA PRO B 115 25.33 -10.61 20.37
C PRO B 115 24.10 -11.46 20.11
N SER B 116 23.21 -11.58 21.09
CA SER B 116 22.00 -12.38 20.90
C SER B 116 21.04 -11.74 19.92
N ILE B 117 21.16 -10.42 19.69
CA ILE B 117 20.28 -9.72 18.77
C ILE B 117 21.12 -8.76 17.94
N GLY B 118 22.39 -9.09 17.72
CA GLY B 118 23.30 -8.21 17.05
C GLY B 118 23.86 -8.76 15.74
N SER B 119 22.98 -9.17 14.83
CA SER B 119 23.43 -9.71 13.55
C SER B 119 22.30 -9.68 12.54
N PRO B 120 22.54 -9.24 11.30
CA PRO B 120 21.54 -9.45 10.25
C PRO B 120 21.15 -10.92 10.18
N VAL B 121 19.89 -11.17 9.83
CA VAL B 121 19.31 -12.49 9.94
C VAL B 121 18.81 -12.98 8.59
N ASN B 122 18.85 -14.29 8.41
CA ASN B 122 18.23 -15.00 7.30
C ASN B 122 17.47 -16.18 7.90
N ILE B 123 16.24 -16.41 7.44
CA ILE B 123 15.35 -17.33 8.14
C ILE B 123 14.25 -17.81 7.21
N ASP B 124 13.77 -19.03 7.44
CA ASP B 124 12.60 -19.59 6.78
C ASP B 124 12.82 -19.73 5.29
N MET B 125 13.57 -20.75 4.91
CA MET B 125 13.82 -21.06 3.52
C MET B 125 12.71 -21.92 2.91
N VAL B 126 12.48 -21.69 1.62
CA VAL B 126 11.65 -22.55 0.78
C VAL B 126 12.49 -23.02 -0.40
N LEU B 127 12.42 -24.30 -0.71
CA LEU B 127 13.14 -24.90 -1.82
C LEU B 127 12.19 -25.31 -2.93
N VAL B 128 12.69 -25.30 -4.17
CA VAL B 128 11.95 -25.78 -5.32
C VAL B 128 12.87 -25.82 -6.53
N GLN B 129 12.61 -26.73 -7.46
CA GLN B 129 13.36 -26.82 -8.70
C GLN B 129 12.42 -26.60 -9.87
N ASP B 130 12.89 -25.85 -10.87
CA ASP B 130 12.11 -25.66 -12.09
C ASP B 130 12.32 -26.87 -12.98
N PRO B 131 11.24 -27.58 -13.36
CA PRO B 131 11.43 -28.81 -14.15
C PRO B 131 11.85 -28.57 -15.59
N GLU B 132 11.89 -27.32 -16.05
CA GLU B 132 12.31 -27.02 -17.42
C GLU B 132 13.78 -26.63 -17.48
N THR B 133 14.19 -25.59 -16.75
CA THR B 133 15.58 -25.17 -16.73
C THR B 133 16.43 -25.97 -15.75
N LYS B 134 15.80 -26.70 -14.84
CA LYS B 134 16.45 -27.45 -13.77
C LYS B 134 17.12 -26.53 -12.76
N ARG B 135 16.88 -25.22 -12.84
CA ARG B 135 17.40 -24.31 -11.83
C ARG B 135 16.69 -24.57 -10.50
N ILE B 136 17.49 -24.68 -9.44
CA ILE B 136 16.97 -24.90 -8.10
C ILE B 136 16.97 -23.58 -7.38
N PHE B 137 15.85 -23.25 -6.74
CA PHE B 137 15.68 -21.97 -6.08
C PHE B 137 15.62 -22.15 -4.56
N SER B 138 16.06 -21.11 -3.86
CA SER B 138 15.97 -21.06 -2.41
C SER B 138 15.52 -19.65 -2.03
N ILE B 139 14.34 -19.55 -1.44
CA ILE B 139 13.74 -18.26 -1.07
C ILE B 139 13.62 -18.22 0.44
N TYR B 140 14.06 -17.11 1.04
CA TYR B 140 14.09 -16.99 2.49
C TYR B 140 13.86 -15.54 2.88
N ASP B 141 13.54 -15.35 4.16
CA ASP B 141 13.36 -14.02 4.71
C ASP B 141 14.72 -13.40 5.02
N MET B 142 14.74 -12.07 5.06
CA MET B 142 15.93 -11.34 5.47
C MET B 142 15.53 -10.15 6.33
N PHE B 143 16.28 -9.94 7.41
CA PHE B 143 16.08 -8.82 8.31
C PHE B 143 17.42 -8.14 8.56
N PRO B 144 17.45 -6.81 8.67
CA PRO B 144 18.64 -6.14 9.18
C PRO B 144 18.83 -6.46 10.66
N GLU B 145 19.97 -6.05 11.20
CA GLU B 145 20.27 -6.29 12.61
C GLU B 145 19.06 -5.98 13.47
N GLY B 146 18.79 -6.86 14.43
CA GLY B 146 17.67 -6.71 15.33
C GLY B 146 17.07 -8.06 15.66
N LYS B 147 15.85 -8.03 16.17
CA LYS B 147 15.16 -9.24 16.63
C LYS B 147 14.22 -9.81 15.58
N GLY B 148 14.56 -9.67 14.30
CA GLY B 148 13.74 -10.25 13.25
C GLY B 148 12.32 -9.72 13.28
N ILE B 149 11.35 -10.65 13.18
CA ILE B 149 9.95 -10.26 13.07
C ILE B 149 9.44 -9.57 14.34
N PHE B 150 10.14 -9.73 15.46
CA PHE B 150 9.74 -9.12 16.72
C PHE B 150 10.46 -7.81 16.99
N GLY B 151 11.26 -7.32 16.06
CA GLY B 151 11.93 -6.04 16.22
C GLY B 151 11.70 -5.15 15.00
N MET B 152 10.45 -5.11 14.54
CA MET B 152 10.07 -4.31 13.39
C MET B 152 9.67 -2.92 13.85
N SER B 153 10.22 -1.89 13.20
CA SER B 153 9.86 -0.52 13.51
C SER B 153 8.36 -0.32 13.44
N SER B 154 7.80 0.33 14.45
CA SER B 154 6.35 0.54 14.49
C SER B 154 5.88 1.35 13.29
N GLN B 155 6.66 2.35 12.88
CA GLN B 155 6.33 3.21 11.76
C GLN B 155 7.01 2.72 10.50
N LYS B 156 6.44 3.09 9.36
CA LYS B 156 6.93 2.64 8.07
C LYS B 156 8.18 3.41 7.64
N GLU B 157 9.06 2.71 6.93
CA GLU B 157 10.23 3.30 6.30
C GLU B 157 10.30 2.80 4.85
N GLU B 158 10.02 3.69 3.90
CA GLU B 158 10.13 3.36 2.50
C GLU B 158 11.49 2.72 2.23
N ALA B 159 11.49 1.53 1.64
CA ALA B 159 12.71 0.78 1.39
C ALA B 159 13.26 0.95 -0.01
N TYR B 160 12.42 1.33 -0.99
CA TYR B 160 12.84 1.44 -2.37
C TYR B 160 12.29 2.72 -2.98
N LYS B 161 12.97 3.18 -4.03
CA LYS B 161 12.57 4.39 -4.75
C LYS B 161 12.82 4.16 -6.24
N LYS B 162 11.85 4.51 -7.07
CA LYS B 162 11.96 4.36 -8.51
C LYS B 162 12.34 5.70 -9.12
N ILE B 163 13.44 5.72 -9.88
CA ILE B 163 13.98 6.94 -10.48
C ILE B 163 14.04 6.68 -11.98
N ASP B 164 13.21 7.40 -12.73
CA ASP B 164 13.15 7.27 -14.19
C ASP B 164 13.07 5.80 -14.61
N GLY B 165 12.09 5.11 -14.05
CA GLY B 165 11.85 3.72 -14.39
C GLY B 165 12.55 2.71 -13.51
N LYS B 166 13.85 2.88 -13.33
CA LYS B 166 14.63 1.95 -12.51
C LYS B 166 14.31 2.11 -11.03
N THR B 167 14.38 0.99 -10.31
CA THR B 167 14.10 0.94 -8.88
C THR B 167 15.41 0.78 -8.12
N TYR B 168 15.54 1.53 -7.03
CA TYR B 168 16.75 1.51 -6.22
C TYR B 168 16.41 1.35 -4.74
N GLN B 169 17.26 0.61 -4.02
CA GLN B 169 17.10 0.46 -2.59
C GLN B 169 17.51 1.74 -1.87
N ILE B 170 16.73 2.12 -0.85
CA ILE B 170 16.93 3.36 -0.12
C ILE B 170 17.94 3.17 1.00
N LEU B 171 18.70 4.23 1.27
CA LEU B 171 19.62 4.28 2.40
C LEU B 171 19.32 5.54 3.20
N TYR B 172 19.28 5.41 4.52
CA TYR B 172 19.02 6.53 5.42
C TYR B 172 20.28 6.92 6.17
N ARG B 173 20.56 8.20 6.25
CA ARG B 173 21.68 8.72 7.00
C ARG B 173 21.20 9.30 8.32
N GLU B 174 21.91 9.00 9.40
CA GLU B 174 21.52 9.47 10.72
C GLU B 174 21.54 10.99 10.77
N GLY B 175 20.49 11.58 11.32
CA GLY B 175 20.34 13.01 11.41
C GLY B 175 19.72 13.66 10.19
N GLU B 176 19.79 13.03 9.03
CA GLU B 176 19.21 13.56 7.81
C GLU B 176 17.87 12.89 7.55
N LYS B 177 17.06 13.54 6.72
CA LYS B 177 15.73 13.03 6.39
C LYS B 177 15.62 12.48 4.98
N GLY B 178 16.46 12.93 4.06
CA GLY B 178 16.35 12.51 2.67
C GLY B 178 16.62 11.03 2.47
N ALA B 179 16.24 10.56 1.29
CA ALA B 179 16.38 9.16 0.91
C ALA B 179 17.53 9.04 -0.08
N TYR B 180 18.68 8.59 0.39
CA TYR B 180 19.74 8.19 -0.51
C TYR B 180 19.33 6.91 -1.23
N THR B 181 20.00 6.64 -2.36
CA THR B 181 19.68 5.46 -3.15
C THR B 181 20.96 4.76 -3.58
N ILE B 182 20.86 3.45 -3.78
CA ILE B 182 21.97 2.63 -4.23
C ILE B 182 21.75 2.40 -5.73
N ARG B 183 22.64 2.94 -6.54
CA ARG B 183 22.52 2.91 -7.99
C ARG B 183 23.62 2.03 -8.57
N GLU B 184 24.01 2.29 -9.83
CA GLU B 184 25.00 1.50 -10.52
C GLU B 184 26.21 1.20 -9.64
N ASN B 185 26.71 -0.04 -9.76
CA ASN B 185 27.92 -0.50 -9.08
C ASN B 185 27.85 -0.31 -7.57
N GLY B 186 26.64 -0.13 -7.03
CA GLY B 186 26.50 0.12 -5.61
C GLY B 186 26.83 1.53 -5.19
N THR B 187 26.99 2.46 -6.13
CA THR B 187 27.32 3.83 -5.79
C THR B 187 26.15 4.49 -5.08
N VAL B 188 26.44 5.16 -3.96
CA VAL B 188 25.42 5.84 -3.18
C VAL B 188 25.18 7.22 -3.76
N TYR B 189 23.91 7.58 -3.93
CA TYR B 189 23.52 8.87 -4.48
C TYR B 189 22.73 9.67 -3.44
N THR B 190 22.87 10.99 -3.51
CA THR B 190 22.13 11.86 -2.61
C THR B 190 20.66 11.89 -3.01
N PRO B 191 19.77 12.34 -2.12
CA PRO B 191 18.34 12.42 -2.47
C PRO B 191 18.08 13.24 -3.72
N ASP B 192 19.00 14.14 -4.07
CA ASP B 192 18.90 14.95 -5.27
C ASP B 192 19.58 14.32 -6.47
N GLY B 193 20.00 13.06 -6.37
CA GLY B 193 20.52 12.37 -7.53
C GLY B 193 21.97 12.65 -7.85
N LYS B 194 22.74 13.12 -6.89
CA LYS B 194 24.16 13.39 -7.11
C LYS B 194 24.98 12.26 -6.49
N ALA B 195 26.00 11.82 -7.22
CA ALA B 195 26.80 10.69 -6.77
C ALA B 195 27.75 11.11 -5.65
N THR B 196 28.08 10.15 -4.79
CA THR B 196 29.01 10.36 -3.68
C THR B 196 30.20 9.42 -3.83
N ASP B 197 31.11 9.49 -2.87
CA ASP B 197 32.27 8.61 -2.82
C ASP B 197 31.99 7.31 -2.09
N TYR B 198 30.79 7.13 -1.54
CA TYR B 198 30.42 5.90 -0.86
C TYR B 198 29.83 4.92 -1.86
N ARG B 199 30.07 3.63 -1.62
CA ARG B 199 29.51 2.60 -2.47
C ARG B 199 29.22 1.37 -1.62
N VAL B 200 28.28 0.55 -2.09
CA VAL B 200 27.84 -0.64 -1.39
C VAL B 200 28.29 -1.87 -2.16
N VAL B 201 28.57 -2.95 -1.41
CA VAL B 201 28.91 -4.23 -2.02
C VAL B 201 27.64 -4.91 -2.50
N VAL B 202 27.26 -4.65 -3.76
CA VAL B 202 26.06 -5.25 -4.32
C VAL B 202 26.32 -6.60 -4.98
N ASP B 203 27.58 -6.93 -5.27
CA ASP B 203 27.95 -8.21 -5.88
C ASP B 203 29.01 -8.87 -5.01
N PRO B 204 28.63 -9.40 -3.84
CA PRO B 204 29.62 -9.98 -2.94
C PRO B 204 30.38 -11.13 -3.57
N VAL B 205 31.55 -11.45 -3.00
CA VAL B 205 32.43 -12.46 -3.55
C VAL B 205 33.00 -13.35 -2.46
N LYS B 206 32.86 -12.95 -1.21
CA LYS B 206 33.45 -13.71 -0.12
C LYS B 206 32.65 -14.98 0.16
N PRO B 207 33.25 -15.94 0.85
CA PRO B 207 32.52 -17.18 1.16
C PRO B 207 31.23 -16.89 1.89
N ALA B 208 30.18 -17.59 1.49
CA ALA B 208 28.82 -17.40 2.00
C ALA B 208 28.29 -16.01 1.74
N TYR B 209 29.01 -15.18 0.97
CA TYR B 209 28.58 -13.82 0.65
C TYR B 209 28.44 -12.98 1.91
N SER B 210 29.31 -13.22 2.89
CA SER B 210 29.28 -12.49 4.15
C SER B 210 29.62 -11.01 3.98
N ASP B 211 30.13 -10.61 2.83
CA ASP B 211 30.51 -9.23 2.59
C ASP B 211 29.38 -8.41 1.98
N LYS B 212 28.20 -8.99 1.77
CA LYS B 212 27.11 -8.24 1.17
C LYS B 212 26.71 -7.10 2.10
N GLY B 213 26.48 -5.93 1.50
CA GLY B 213 26.11 -4.76 2.26
C GLY B 213 27.26 -4.00 2.89
N ASP B 214 28.49 -4.51 2.78
CA ASP B 214 29.64 -3.78 3.30
C ASP B 214 29.66 -2.37 2.70
N LEU B 215 29.85 -1.38 3.56
CA LEU B 215 29.84 0.02 3.15
C LEU B 215 31.27 0.51 3.01
N TYR B 216 31.60 1.04 1.83
CA TYR B 216 32.95 1.50 1.54
C TYR B 216 32.96 3.00 1.25
N LYS B 217 34.11 3.63 1.42
CA LYS B 217 34.30 5.00 1.01
C LYS B 217 35.61 4.88 0.29
N GLY B 218 35.59 4.82 -1.02
CA GLY B 218 36.83 4.62 -1.73
C GLY B 218 37.14 3.17 -1.48
N ASN B 219 38.30 2.86 -0.93
CA ASN B 219 38.65 1.49 -0.67
C ASN B 219 38.72 1.20 0.80
N GLN B 220 38.23 2.10 1.63
CA GLN B 220 38.30 1.93 3.06
C GLN B 220 36.99 1.39 3.61
N LEU B 221 36.98 0.17 4.15
CA LEU B 221 35.77 -0.37 4.73
C LEU B 221 35.32 0.45 5.94
N LEU B 222 34.08 0.92 5.91
CA LEU B 222 33.52 1.71 6.99
C LEU B 222 32.58 0.91 7.88
N GLY B 223 31.63 0.19 7.27
CA GLY B 223 30.66 -0.60 8.01
C GLY B 223 29.77 -1.42 7.11
N ASN B 224 28.52 -1.65 7.54
CA ASN B 224 27.58 -2.44 6.78
C ASN B 224 26.20 -1.78 6.84
N ILE B 225 25.53 -1.71 5.69
CA ILE B 225 24.21 -1.08 5.62
C ILE B 225 23.14 -1.88 6.35
N TYR B 226 23.43 -3.12 6.72
CA TYR B 226 22.49 -3.95 7.45
C TYR B 226 22.68 -3.85 8.97
N PHE B 227 23.63 -3.04 9.43
CA PHE B 227 23.84 -2.83 10.85
C PHE B 227 22.94 -1.70 11.34
N THR B 228 22.36 -1.88 12.53
CA THR B 228 21.45 -0.91 13.10
C THR B 228 21.92 -0.32 14.41
N THR B 229 22.95 -0.89 15.04
CA THR B 229 23.43 -0.42 16.33
C THR B 229 24.95 -0.28 16.29
N ASN B 230 25.45 0.68 17.06
CA ASN B 230 26.89 0.93 17.19
C ASN B 230 27.57 0.89 15.82
N LYS B 231 27.10 1.76 14.93
CA LYS B 231 27.53 1.74 13.55
C LYS B 231 28.84 2.47 13.37
N THR B 232 29.70 1.92 12.50
CA THR B 232 30.93 2.57 12.12
C THR B 232 30.78 3.38 10.84
N SER B 233 29.76 3.10 10.05
CA SER B 233 29.41 3.86 8.85
C SER B 233 28.13 4.63 9.09
N PRO B 234 27.84 5.64 8.27
CA PRO B 234 26.66 6.49 8.51
C PRO B 234 25.38 6.04 7.82
N PHE B 235 25.40 4.99 7.01
CA PHE B 235 24.24 4.61 6.21
C PHE B 235 23.66 3.29 6.66
N ARG B 236 22.38 3.10 6.36
CA ARG B 236 21.66 1.87 6.68
C ARG B 236 20.41 1.83 5.82
N ILE B 237 19.88 0.62 5.64
CA ILE B 237 18.64 0.42 4.91
C ILE B 237 17.46 0.60 5.86
N ALA B 238 16.24 0.47 5.34
CA ALA B 238 15.05 0.57 6.17
C ALA B 238 14.91 -0.66 7.05
N LYS B 239 14.39 -0.44 8.26
CA LYS B 239 14.05 -1.54 9.18
C LYS B 239 12.74 -2.15 8.73
N ASP B 240 12.83 -3.14 7.84
CA ASP B 240 11.66 -3.76 7.25
C ASP B 240 11.92 -5.25 7.06
N SER B 241 10.94 -5.93 6.48
CA SER B 241 11.04 -7.34 6.13
C SER B 241 11.35 -7.46 4.64
N TYR B 242 12.38 -8.23 4.31
CA TYR B 242 12.80 -8.41 2.93
C TYR B 242 12.73 -9.89 2.55
N LEU B 243 12.69 -10.13 1.24
CA LEU B 243 12.62 -11.48 0.70
C LEU B 243 13.76 -11.65 -0.29
N TRP B 244 14.66 -12.58 0.01
CA TRP B 244 15.82 -12.83 -0.84
C TRP B 244 15.69 -14.20 -1.50
N MET B 245 16.52 -14.42 -2.51
CA MET B 245 16.49 -15.66 -3.28
C MET B 245 17.86 -15.95 -3.85
N SER B 246 18.36 -17.17 -3.60
CA SER B 246 19.55 -17.69 -4.23
C SER B 246 19.18 -18.93 -5.03
N TYR B 247 19.94 -19.21 -6.09
CA TYR B 247 19.66 -20.32 -6.97
C TYR B 247 20.92 -21.10 -7.29
N SER B 248 20.72 -22.37 -7.66
CA SER B 248 21.81 -23.27 -8.02
C SER B 248 21.49 -23.92 -9.36
N ASP B 249 22.45 -23.88 -10.27
CA ASP B 249 22.30 -24.50 -11.59
C ASP B 249 23.09 -25.79 -11.71
N ASP B 250 23.62 -26.33 -10.60
CA ASP B 250 24.40 -27.56 -10.64
C ASP B 250 23.93 -28.51 -9.54
N ASP B 251 22.61 -28.64 -9.38
CA ASP B 251 22.01 -29.63 -8.50
C ASP B 251 22.27 -29.33 -7.03
N GLY B 252 22.48 -28.06 -6.71
CA GLY B 252 22.67 -27.64 -5.34
C GLY B 252 24.09 -27.62 -4.84
N LYS B 253 25.07 -27.87 -5.70
CA LYS B 253 26.47 -27.89 -5.26
C LYS B 253 26.96 -26.49 -4.95
N THR B 254 26.84 -25.57 -5.91
CA THR B 254 27.18 -24.17 -5.69
C THR B 254 25.95 -23.30 -5.91
N TRP B 255 25.93 -22.14 -5.27
CA TRP B 255 24.77 -21.26 -5.27
C TRP B 255 25.19 -19.85 -5.66
N SER B 256 24.22 -19.10 -6.19
CA SER B 256 24.45 -17.72 -6.60
C SER B 256 24.44 -16.80 -5.39
N ALA B 257 24.76 -15.53 -5.64
CA ALA B 257 24.63 -14.51 -4.60
C ALA B 257 23.16 -14.24 -4.32
N PRO B 258 22.84 -13.76 -3.11
CA PRO B 258 21.44 -13.49 -2.79
C PRO B 258 20.83 -12.48 -3.74
N GLN B 259 19.61 -12.75 -4.17
CA GLN B 259 18.85 -11.86 -5.04
C GLN B 259 17.70 -11.27 -4.24
N ASP B 260 17.58 -9.94 -4.26
CA ASP B 260 16.55 -9.24 -3.51
C ASP B 260 15.29 -9.15 -4.36
N ILE B 261 14.30 -10.00 -4.07
CA ILE B 261 13.05 -10.00 -4.81
C ILE B 261 11.94 -9.23 -4.10
N THR B 262 12.25 -8.61 -2.96
CA THR B 262 11.24 -7.88 -2.20
C THR B 262 10.44 -6.89 -3.06
N PRO B 263 11.07 -5.97 -3.80
CA PRO B 263 10.26 -4.93 -4.48
C PRO B 263 9.29 -5.47 -5.51
N MET B 264 9.41 -6.73 -5.90
CA MET B 264 8.51 -7.32 -6.89
C MET B 264 7.20 -7.82 -6.30
N VAL B 265 7.09 -7.95 -4.98
CA VAL B 265 5.93 -8.62 -4.39
C VAL B 265 5.37 -7.91 -3.18
N LYS B 266 6.18 -7.11 -2.49
CA LYS B 266 5.76 -6.48 -1.25
C LYS B 266 5.15 -5.11 -1.55
N ALA B 267 3.86 -4.96 -1.25
CA ALA B 267 3.16 -3.70 -1.41
C ALA B 267 3.46 -2.77 -0.24
N ASP B 268 3.18 -1.48 -0.45
CA ASP B 268 3.51 -0.49 0.57
C ASP B 268 2.71 -0.71 1.85
N TRP B 269 1.53 -1.32 1.76
CA TRP B 269 0.73 -1.54 2.95
C TRP B 269 1.23 -2.71 3.80
N MET B 270 1.99 -3.63 3.20
CA MET B 270 2.45 -4.81 3.93
C MET B 270 3.49 -4.43 4.97
N LYS B 271 3.35 -4.98 6.16
CA LYS B 271 4.33 -4.78 7.23
C LYS B 271 5.37 -5.91 7.17
N PHE B 272 4.94 -7.13 7.45
CA PHE B 272 5.78 -8.32 7.36
C PHE B 272 5.42 -9.12 6.12
N LEU B 273 6.44 -9.70 5.48
CA LEU B 273 6.24 -10.62 4.37
C LEU B 273 7.27 -11.73 4.49
N GLY B 274 6.81 -12.94 4.81
CA GLY B 274 7.70 -14.08 4.92
C GLY B 274 7.09 -15.29 4.27
N VAL B 275 7.95 -16.28 4.03
CA VAL B 275 7.55 -17.48 3.31
C VAL B 275 6.97 -18.49 4.29
N GLY B 276 6.22 -19.45 3.75
CA GLY B 276 5.85 -20.63 4.50
C GLY B 276 6.90 -21.71 4.30
N PRO B 277 7.72 -21.94 5.32
CA PRO B 277 8.87 -22.85 5.14
C PRO B 277 8.47 -24.18 4.54
N GLY B 278 9.42 -24.80 3.86
CA GLY B 278 9.20 -26.11 3.29
C GLY B 278 9.65 -26.22 1.85
N THR B 279 8.82 -26.83 1.01
CA THR B 279 9.11 -27.00 -0.40
C THR B 279 7.94 -26.50 -1.21
N GLY B 280 8.20 -25.59 -2.14
CA GLY B 280 7.20 -25.13 -3.08
C GLY B 280 6.98 -26.16 -4.17
N ILE B 281 6.14 -25.79 -5.13
CA ILE B 281 5.82 -26.68 -6.23
C ILE B 281 5.90 -25.90 -7.54
N VAL B 282 5.93 -26.65 -8.63
CA VAL B 282 5.77 -26.12 -9.97
C VAL B 282 4.53 -26.77 -10.56
N LEU B 283 3.57 -25.96 -11.01
CA LEU B 283 2.36 -26.50 -11.58
C LEU B 283 2.70 -27.43 -12.75
N ARG B 284 2.11 -28.62 -12.73
CA ARG B 284 2.39 -29.65 -13.72
C ARG B 284 1.25 -29.86 -14.70
N ASN B 285 0.14 -29.14 -14.56
CA ASN B 285 -0.97 -29.28 -15.48
C ASN B 285 -1.81 -28.02 -15.43
N GLY B 286 -2.69 -27.87 -16.43
CA GLY B 286 -3.57 -26.73 -16.51
C GLY B 286 -3.00 -25.64 -17.39
N PRO B 287 -3.77 -24.56 -17.59
CA PRO B 287 -3.28 -23.45 -18.43
C PRO B 287 -2.07 -22.74 -17.85
N HIS B 288 -1.74 -22.99 -16.59
CA HIS B 288 -0.61 -22.35 -15.93
C HIS B 288 0.52 -23.33 -15.63
N LYS B 289 0.59 -24.42 -16.41
CA LYS B 289 1.67 -25.39 -16.24
C LYS B 289 3.02 -24.68 -16.33
N GLY B 290 3.94 -25.08 -15.45
CA GLY B 290 5.24 -24.46 -15.36
C GLY B 290 5.36 -23.36 -14.34
N ARG B 291 4.24 -22.86 -13.82
CA ARG B 291 4.29 -21.77 -12.85
C ARG B 291 4.84 -22.27 -11.52
N ILE B 292 5.70 -21.45 -10.91
CA ILE B 292 6.34 -21.76 -9.63
C ILE B 292 5.53 -21.09 -8.52
N LEU B 293 5.20 -21.84 -7.48
CA LEU B 293 4.41 -21.33 -6.37
C LEU B 293 5.21 -21.42 -5.07
N ILE B 294 5.24 -20.31 -4.34
CA ILE B 294 5.99 -20.24 -3.08
C ILE B 294 5.04 -19.73 -2.01
N PRO B 295 4.67 -20.53 -1.01
CA PRO B 295 3.78 -20.03 0.04
C PRO B 295 4.43 -18.90 0.82
N VAL B 296 3.64 -17.84 1.07
CA VAL B 296 4.07 -16.71 1.88
C VAL B 296 2.86 -16.24 2.70
N TYR B 297 3.14 -15.37 3.67
CA TYR B 297 2.07 -14.76 4.45
C TYR B 297 2.51 -13.39 4.92
N THR B 298 1.52 -12.51 5.13
CA THR B 298 1.78 -11.11 5.40
C THR B 298 1.10 -10.68 6.70
N THR B 299 1.41 -9.45 7.10
CA THR B 299 0.72 -8.79 8.21
C THR B 299 0.48 -7.34 7.81
N ASN B 300 -0.59 -6.75 8.36
CA ASN B 300 -0.89 -5.35 8.16
C ASN B 300 -0.40 -4.54 9.35
N ASN B 301 -0.46 -3.21 9.20
CA ASN B 301 -0.09 -2.30 10.27
C ASN B 301 -1.26 -2.01 11.23
N VAL B 302 -2.38 -2.72 11.07
CA VAL B 302 -3.55 -2.53 11.93
C VAL B 302 -3.43 -3.39 13.18
N SER B 303 -3.28 -4.71 12.98
CA SER B 303 -3.28 -5.65 14.10
C SER B 303 -2.09 -6.60 14.06
N HIS B 304 -1.00 -6.19 13.41
CA HIS B 304 0.24 -6.94 13.29
C HIS B 304 0.39 -8.10 14.28
N LEU B 305 0.29 -9.36 13.82
CA LEU B 305 0.43 -10.58 14.63
C LEU B 305 -0.65 -10.94 15.63
N ASN B 306 -1.69 -10.16 15.83
CA ASN B 306 -2.73 -10.59 16.74
C ASN B 306 -3.94 -10.56 15.87
N GLY B 307 -3.84 -11.20 14.72
CA GLY B 307 -4.86 -11.13 13.65
C GLY B 307 -4.30 -10.16 12.58
N SER B 308 -4.14 -10.42 11.31
CA SER B 308 -3.68 -9.94 10.01
C SER B 308 -2.70 -10.93 9.36
N GLN B 309 -2.32 -11.98 10.07
CA GLN B 309 -1.47 -12.99 9.45
C GLN B 309 -2.30 -13.63 8.34
N SER B 310 -1.95 -13.35 7.09
CA SER B 310 -2.74 -13.78 5.95
C SER B 310 -1.84 -14.55 4.99
N SER B 311 -2.34 -15.69 4.52
CA SER B 311 -1.58 -16.57 3.66
C SER B 311 -1.86 -16.25 2.20
N ARG B 312 -0.86 -16.45 1.33
CA ARG B 312 -0.97 -16.22 -0.12
C ARG B 312 0.19 -16.95 -0.81
N ILE B 313 0.41 -16.79 -2.09
CA ILE B 313 1.59 -17.39 -2.69
C ILE B 313 2.17 -16.39 -3.66
N ILE B 314 3.46 -16.45 -3.88
CA ILE B 314 4.04 -15.63 -4.92
C ILE B 314 4.39 -16.58 -6.05
N TYR B 315 4.52 -16.10 -7.26
CA TYR B 315 4.73 -17.01 -8.37
C TYR B 315 5.60 -16.36 -9.44
N SER B 316 6.15 -17.22 -10.29
CA SER B 316 6.96 -16.80 -11.43
C SER B 316 6.53 -17.60 -12.64
N ASP B 317 6.14 -16.91 -13.70
CA ASP B 317 5.76 -17.55 -14.95
C ASP B 317 6.91 -17.60 -15.94
N ASP B 318 8.11 -17.18 -15.54
CA ASP B 318 9.25 -17.15 -16.43
C ASP B 318 10.46 -17.82 -15.77
N HIS B 319 10.19 -18.86 -14.97
CA HIS B 319 11.25 -19.70 -14.43
C HIS B 319 12.14 -18.93 -13.46
N GLY B 320 11.51 -18.10 -12.62
CA GLY B 320 12.21 -17.46 -11.53
C GLY B 320 12.83 -16.12 -11.85
N LYS B 321 12.67 -15.60 -13.06
CA LYS B 321 13.25 -14.31 -13.40
C LYS B 321 12.48 -13.19 -12.73
N THR B 322 11.17 -13.16 -12.89
CA THR B 322 10.32 -12.16 -12.24
C THR B 322 9.31 -12.85 -11.35
N TRP B 323 8.89 -12.17 -10.29
CA TRP B 323 7.96 -12.72 -9.32
C TRP B 323 6.80 -11.76 -9.10
N HIS B 324 5.63 -12.34 -8.84
CA HIS B 324 4.40 -11.60 -8.61
C HIS B 324 3.68 -12.17 -7.40
N ALA B 325 2.85 -11.34 -6.78
CA ALA B 325 2.09 -11.72 -5.61
C ALA B 325 0.63 -11.98 -6.00
N GLY B 326 0.10 -13.12 -5.57
CA GLY B 326 -1.31 -13.37 -5.74
C GLY B 326 -2.12 -12.74 -4.63
N GLU B 327 -3.44 -12.74 -4.81
CA GLU B 327 -4.32 -12.22 -3.77
C GLU B 327 -4.35 -13.17 -2.58
N ALA B 328 -4.56 -12.60 -1.39
CA ALA B 328 -4.57 -13.42 -0.19
C ALA B 328 -5.86 -14.24 -0.11
N VAL B 329 -5.79 -15.33 0.67
CA VAL B 329 -6.97 -16.12 0.93
C VAL B 329 -8.03 -15.27 1.60
N ASN B 330 -7.61 -14.34 2.47
CA ASN B 330 -8.52 -13.48 3.20
C ASN B 330 -9.01 -12.29 2.40
N ASP B 331 -8.37 -11.96 1.28
CA ASP B 331 -8.80 -10.80 0.50
C ASP B 331 -10.24 -11.01 0.02
N ASN B 332 -11.15 -10.19 0.52
CA ASN B 332 -12.57 -10.26 0.16
C ASN B 332 -13.21 -11.56 0.66
N ARG B 333 -12.79 -12.03 1.83
CA ARG B 333 -13.35 -13.23 2.45
C ARG B 333 -14.46 -12.87 3.41
N GLN B 334 -15.48 -13.74 3.47
CA GLN B 334 -16.62 -13.55 4.36
C GLN B 334 -16.30 -14.19 5.70
N VAL B 335 -16.20 -13.36 6.74
CA VAL B 335 -15.91 -13.83 8.10
C VAL B 335 -16.91 -13.17 9.04
N ASP B 336 -17.76 -13.98 9.68
CA ASP B 336 -18.74 -13.50 10.64
C ASP B 336 -19.68 -12.48 9.99
N GLY B 337 -20.20 -12.84 8.83
CA GLY B 337 -21.15 -11.99 8.15
C GLY B 337 -20.57 -10.70 7.63
N GLN B 338 -19.24 -10.57 7.62
CA GLN B 338 -18.57 -9.35 7.17
C GLN B 338 -17.42 -9.72 6.25
N LYS B 339 -17.17 -8.87 5.26
CA LYS B 339 -16.01 -9.04 4.40
C LYS B 339 -14.77 -8.52 5.12
N ILE B 340 -13.60 -9.03 4.73
CA ILE B 340 -12.33 -8.60 5.29
C ILE B 340 -11.29 -8.56 4.16
N HIS B 341 -10.16 -7.94 4.47
CA HIS B 341 -9.03 -7.87 3.56
C HIS B 341 -7.75 -8.01 4.38
N SER B 342 -6.74 -8.64 3.77
CA SER B 342 -5.50 -8.87 4.50
C SER B 342 -4.87 -7.57 4.97
N SER B 343 -5.09 -6.47 4.23
CA SER B 343 -4.46 -5.20 4.57
C SER B 343 -5.21 -4.43 5.66
N THR B 344 -6.39 -4.90 6.07
CA THR B 344 -7.19 -4.18 7.04
C THR B 344 -7.81 -5.06 8.12
N MET B 345 -7.56 -6.37 8.11
CA MET B 345 -8.25 -7.27 9.02
C MET B 345 -7.62 -7.21 10.40
N ASN B 346 -8.43 -7.52 11.42
CA ASN B 346 -8.01 -7.62 12.81
C ASN B 346 -8.89 -8.71 13.44
N ASN B 347 -8.65 -9.94 13.01
CA ASN B 347 -9.50 -11.08 13.40
C ASN B 347 -8.55 -12.23 13.75
N ARG B 348 -8.33 -12.45 15.04
CA ARG B 348 -7.35 -13.43 15.48
C ARG B 348 -7.60 -14.79 14.85
N ARG B 349 -8.83 -15.30 14.94
CA ARG B 349 -9.12 -16.66 14.53
C ARG B 349 -9.17 -16.81 13.01
N ALA B 350 -9.43 -15.73 12.27
CA ALA B 350 -9.51 -15.81 10.82
C ALA B 350 -8.14 -15.77 10.16
N GLN B 351 -7.07 -15.68 10.93
CA GLN B 351 -5.73 -15.64 10.38
C GLN B 351 -5.38 -16.96 9.69
N ASN B 352 -4.32 -16.90 8.89
CA ASN B 352 -3.71 -18.09 8.32
C ASN B 352 -2.25 -17.74 8.04
N THR B 353 -1.34 -18.59 8.51
CA THR B 353 0.08 -18.27 8.45
C THR B 353 0.80 -19.26 7.53
N GLU B 354 2.04 -19.61 7.87
CA GLU B 354 2.80 -20.64 7.15
C GLU B 354 1.89 -21.71 6.57
N SER B 355 2.02 -22.00 5.28
CA SER B 355 1.18 -22.98 4.61
C SER B 355 2.04 -23.84 3.68
N THR B 356 1.40 -24.86 3.12
CA THR B 356 2.01 -25.73 2.12
C THR B 356 1.03 -25.88 0.96
N VAL B 357 1.55 -25.92 -0.25
CA VAL B 357 0.73 -25.85 -1.45
C VAL B 357 0.82 -27.15 -2.22
N VAL B 358 -0.28 -27.49 -2.89
CA VAL B 358 -0.37 -28.72 -3.68
C VAL B 358 -1.32 -28.48 -4.84
N GLN B 359 -1.00 -29.03 -6.00
CA GLN B 359 -1.88 -28.99 -7.16
C GLN B 359 -2.45 -30.37 -7.41
N LEU B 360 -3.75 -30.41 -7.70
CA LEU B 360 -4.43 -31.66 -8.03
C LEU B 360 -4.37 -31.91 -9.54
N ASN B 361 -4.69 -33.14 -9.93
CA ASN B 361 -4.73 -33.49 -11.34
C ASN B 361 -5.82 -32.74 -12.09
N ASN B 362 -6.81 -32.20 -11.39
CA ASN B 362 -7.88 -31.42 -12.02
C ASN B 362 -7.53 -29.94 -12.14
N GLY B 363 -6.26 -29.57 -11.91
CA GLY B 363 -5.79 -28.22 -12.07
C GLY B 363 -5.91 -27.34 -10.84
N ASP B 364 -6.82 -27.65 -9.93
CA ASP B 364 -7.00 -26.83 -8.74
C ASP B 364 -5.75 -26.86 -7.87
N VAL B 365 -5.60 -25.82 -7.05
CA VAL B 365 -4.48 -25.69 -6.13
C VAL B 365 -5.02 -25.62 -4.72
N LYS B 366 -4.46 -26.44 -3.83
CA LYS B 366 -4.87 -26.51 -2.44
C LYS B 366 -3.81 -25.87 -1.57
N LEU B 367 -4.24 -25.09 -0.58
CA LEU B 367 -3.33 -24.42 0.34
C LEU B 367 -3.69 -24.87 1.75
N PHE B 368 -2.80 -25.64 2.37
CA PHE B 368 -2.96 -26.13 3.73
C PHE B 368 -2.28 -25.13 4.66
N MET B 369 -3.08 -24.43 5.46
CA MET B 369 -2.59 -23.27 6.21
C MET B 369 -2.55 -23.54 7.70
N ARG B 370 -1.47 -23.10 8.34
CA ARG B 370 -1.38 -23.12 9.79
C ARG B 370 -2.31 -22.07 10.37
N GLY B 371 -3.22 -22.50 11.25
CA GLY B 371 -4.21 -21.60 11.80
C GLY B 371 -4.48 -21.80 13.28
N LEU B 372 -5.57 -21.20 13.78
CA LEU B 372 -5.89 -21.22 15.20
C LEU B 372 -7.28 -21.82 15.47
N THR B 373 -7.83 -22.57 14.53
CA THR B 373 -9.13 -23.21 14.72
C THR B 373 -9.03 -24.58 15.37
N GLY B 374 -7.81 -25.06 15.61
CA GLY B 374 -7.59 -26.35 16.21
C GLY B 374 -7.53 -27.51 15.24
N ASP B 375 -8.07 -27.35 14.04
CA ASP B 375 -8.01 -28.37 13.00
C ASP B 375 -7.49 -27.76 11.71
N LEU B 376 -7.39 -28.60 10.68
CA LEU B 376 -6.76 -28.22 9.43
C LEU B 376 -7.68 -27.33 8.59
N GLN B 377 -7.14 -26.22 8.10
CA GLN B 377 -7.84 -25.32 7.20
C GLN B 377 -7.21 -25.40 5.81
N VAL B 378 -8.03 -25.50 4.78
CA VAL B 378 -7.57 -25.67 3.41
C VAL B 378 -8.29 -24.69 2.51
N ALA B 379 -7.52 -23.95 1.72
CA ALA B 379 -8.06 -23.06 0.70
C ALA B 379 -7.87 -23.69 -0.68
N THR B 380 -8.66 -23.21 -1.63
CA THR B 380 -8.65 -23.73 -2.99
C THR B 380 -8.58 -22.58 -3.99
N SER B 381 -7.91 -22.84 -5.11
CA SER B 381 -7.77 -21.87 -6.19
C SER B 381 -7.93 -22.59 -7.52
N LYS B 382 -8.69 -21.99 -8.43
CA LYS B 382 -8.95 -22.56 -9.74
C LYS B 382 -8.21 -21.83 -10.86
N ASP B 383 -7.42 -20.82 -10.54
CA ASP B 383 -6.74 -20.00 -11.54
C ASP B 383 -5.25 -19.93 -11.25
N GLY B 384 -4.68 -21.04 -10.76
CA GLY B 384 -3.25 -21.11 -10.55
C GLY B 384 -2.76 -20.41 -9.31
N GLY B 385 -3.58 -20.31 -8.27
CA GLY B 385 -3.14 -19.75 -7.01
C GLY B 385 -3.18 -18.24 -6.93
N VAL B 386 -3.72 -17.56 -7.93
CA VAL B 386 -3.78 -16.11 -7.88
C VAL B 386 -4.93 -15.64 -6.99
N THR B 387 -6.11 -16.22 -7.17
CA THR B 387 -7.26 -15.90 -6.33
C THR B 387 -7.84 -17.19 -5.75
N TRP B 388 -8.58 -17.04 -4.66
CA TRP B 388 -9.06 -18.17 -3.88
C TRP B 388 -10.57 -18.12 -3.76
N GLU B 389 -11.17 -19.30 -3.58
CA GLU B 389 -12.61 -19.41 -3.57
C GLU B 389 -13.18 -18.87 -2.25
N LYS B 390 -14.51 -18.82 -2.17
CA LYS B 390 -15.17 -18.18 -1.04
C LYS B 390 -14.87 -18.90 0.27
N ASP B 391 -15.10 -20.20 0.32
CA ASP B 391 -15.17 -20.92 1.58
C ASP B 391 -13.88 -21.66 1.89
N ILE B 392 -13.44 -21.54 3.15
CA ILE B 392 -12.28 -22.26 3.65
C ILE B 392 -12.73 -23.59 4.24
N LYS B 393 -12.17 -24.68 3.74
CA LYS B 393 -12.52 -26.01 4.24
C LYS B 393 -11.82 -26.28 5.56
N ARG B 394 -12.56 -26.86 6.50
CA ARG B 394 -12.01 -27.31 7.77
C ARG B 394 -12.13 -28.84 7.85
N TYR B 395 -11.09 -29.48 8.36
CA TYR B 395 -11.07 -30.94 8.51
C TYR B 395 -10.76 -31.29 9.96
N PRO B 396 -11.77 -31.54 10.79
CA PRO B 396 -11.50 -31.88 12.20
C PRO B 396 -10.76 -33.19 12.37
N GLN B 397 -10.74 -34.05 11.35
CA GLN B 397 -10.00 -35.30 11.46
C GLN B 397 -8.52 -35.08 11.64
N VAL B 398 -8.00 -33.91 11.27
CA VAL B 398 -6.58 -33.59 11.36
C VAL B 398 -6.43 -32.43 12.34
N LYS B 399 -5.75 -32.68 13.46
CA LYS B 399 -5.56 -31.65 14.47
C LYS B 399 -4.44 -30.70 14.08
N ASP B 400 -4.67 -29.41 14.29
CA ASP B 400 -3.68 -28.37 14.04
C ASP B 400 -3.36 -27.68 15.36
N VAL B 401 -2.17 -27.96 15.89
CA VAL B 401 -1.75 -27.39 17.17
C VAL B 401 -1.04 -26.06 16.91
N TYR B 402 -1.36 -25.43 15.78
CA TYR B 402 -0.73 -24.17 15.37
C TYR B 402 0.78 -24.35 15.19
N VAL B 403 1.11 -25.15 14.18
CA VAL B 403 2.50 -25.44 13.84
C VAL B 403 2.58 -25.74 12.35
N GLN B 404 3.78 -25.57 11.80
CA GLN B 404 3.99 -25.78 10.38
C GLN B 404 3.69 -27.23 9.99
N MET B 405 3.35 -27.41 8.71
CA MET B 405 3.03 -28.72 8.16
C MET B 405 3.49 -28.75 6.71
N SER B 406 3.58 -29.97 6.17
CA SER B 406 3.96 -30.14 4.77
C SER B 406 3.04 -31.16 4.12
N ALA B 407 2.67 -30.89 2.87
CA ALA B 407 1.79 -31.76 2.10
C ALA B 407 2.34 -31.92 0.70
N ILE B 408 2.10 -33.10 0.11
CA ILE B 408 2.55 -33.40 -1.24
C ILE B 408 1.46 -34.17 -1.98
N HIS B 409 1.52 -34.10 -3.30
CA HIS B 409 0.66 -34.90 -4.16
C HIS B 409 1.33 -36.24 -4.44
N THR B 410 0.52 -37.29 -4.48
CA THR B 410 1.03 -38.62 -4.75
C THR B 410 -0.06 -39.47 -5.40
N MET B 411 0.38 -40.41 -6.23
CA MET B 411 -0.50 -41.35 -6.90
C MET B 411 -0.17 -42.77 -6.46
N HIS B 412 -1.17 -43.64 -6.50
CA HIS B 412 -0.95 -45.04 -6.15
C HIS B 412 -2.00 -45.88 -6.85
N GLU B 413 -1.55 -46.79 -7.73
CA GLU B 413 -2.46 -47.65 -8.47
C GLU B 413 -3.51 -46.84 -9.24
N GLY B 414 -3.07 -45.72 -9.79
CA GLY B 414 -3.94 -44.88 -10.61
C GLY B 414 -4.90 -44.00 -9.84
N LYS B 415 -4.76 -43.90 -8.52
CA LYS B 415 -5.63 -43.11 -7.68
C LYS B 415 -4.86 -41.94 -7.06
N GLU B 416 -5.53 -40.80 -6.97
CA GLU B 416 -4.91 -39.55 -6.52
C GLU B 416 -5.08 -39.39 -5.01
N TYR B 417 -3.97 -39.12 -4.33
CA TYR B 417 -3.93 -39.00 -2.87
C TYR B 417 -3.19 -37.74 -2.44
N ILE B 418 -3.32 -37.44 -1.15
CA ILE B 418 -2.61 -36.35 -0.50
C ILE B 418 -2.02 -36.88 0.80
N ILE B 419 -0.72 -36.69 1.00
CA ILE B 419 -0.03 -37.01 2.24
C ILE B 419 0.23 -35.70 2.97
N LEU B 420 -0.09 -35.67 4.26
CA LEU B 420 0.16 -34.49 5.09
C LEU B 420 0.79 -34.94 6.40
N SER B 421 1.80 -34.19 6.84
CA SER B 421 2.51 -34.51 8.09
C SER B 421 2.57 -33.28 8.98
N ASN B 422 2.45 -33.51 10.28
CA ASN B 422 2.53 -32.45 11.29
C ASN B 422 2.38 -33.10 12.65
N ALA B 423 2.60 -32.31 13.70
CA ALA B 423 2.43 -32.79 15.06
C ALA B 423 0.98 -33.19 15.31
N GLY B 424 0.79 -34.27 16.04
CA GLY B 424 -0.54 -34.79 16.32
C GLY B 424 -1.17 -34.25 17.59
N GLY B 425 -0.36 -33.66 18.47
CA GLY B 425 -0.83 -33.21 19.75
C GLY B 425 -0.41 -34.13 20.87
N PRO B 426 -0.56 -33.69 22.12
CA PRO B 426 -1.35 -32.54 22.57
C PRO B 426 -0.69 -31.17 22.31
N LYS B 427 0.64 -31.15 22.25
CA LYS B 427 1.38 -29.96 21.83
C LYS B 427 2.18 -30.30 20.58
N ARG B 428 3.33 -29.66 20.39
CA ARG B 428 4.19 -30.00 19.26
C ARG B 428 4.89 -31.32 19.52
N GLU B 429 4.12 -32.41 19.52
CA GLU B 429 4.62 -33.74 19.88
C GLU B 429 3.93 -34.80 19.03
N ASN B 430 4.57 -35.97 18.99
CA ASN B 430 4.02 -37.14 18.30
C ASN B 430 3.69 -36.80 16.86
N GLY B 431 4.71 -36.76 16.01
CA GLY B 431 4.49 -36.45 14.61
C GLY B 431 3.57 -37.47 13.96
N MET B 432 2.68 -36.97 13.10
CA MET B 432 1.69 -37.77 12.43
C MET B 432 1.90 -37.70 10.92
N VAL B 433 1.41 -38.73 10.24
CA VAL B 433 1.43 -38.80 8.78
C VAL B 433 0.02 -39.17 8.34
N HIS B 434 -0.66 -38.23 7.69
CA HIS B 434 -2.05 -38.40 7.29
C HIS B 434 -2.15 -38.70 5.80
N LEU B 435 -3.07 -39.58 5.44
CA LEU B 435 -3.32 -39.96 4.06
C LEU B 435 -4.74 -39.55 3.68
N ALA B 436 -4.89 -38.95 2.50
CA ALA B 436 -6.17 -38.46 2.03
C ALA B 436 -6.44 -38.93 0.61
N ARG B 437 -7.72 -39.14 0.32
CA ARG B 437 -8.19 -39.53 -1.00
C ARG B 437 -8.69 -38.27 -1.70
N VAL B 438 -8.28 -38.08 -2.95
CA VAL B 438 -8.70 -36.91 -3.72
C VAL B 438 -9.99 -37.28 -4.46
N GLU B 439 -11.09 -36.72 -3.99
CA GLU B 439 -12.39 -36.98 -4.60
C GLU B 439 -12.51 -36.24 -5.93
N GLU B 440 -13.54 -36.60 -6.70
CA GLU B 440 -13.71 -36.03 -8.03
C GLU B 440 -13.94 -34.53 -7.99
N ASN B 441 -14.59 -34.04 -6.93
CA ASN B 441 -14.83 -32.60 -6.80
C ASN B 441 -13.61 -31.83 -6.35
N GLY B 442 -12.54 -32.50 -5.95
CA GLY B 442 -11.36 -31.85 -5.44
C GLY B 442 -11.26 -31.86 -3.92
N GLU B 443 -12.30 -32.29 -3.22
CA GLU B 443 -12.31 -32.33 -1.78
C GLU B 443 -11.56 -33.57 -1.29
N LEU B 444 -11.30 -33.60 0.02
CA LEU B 444 -10.44 -34.60 0.62
C LEU B 444 -11.21 -35.50 1.56
N THR B 445 -10.88 -36.80 1.53
CA THR B 445 -11.40 -37.79 2.45
C THR B 445 -10.20 -38.40 3.16
N TRP B 446 -10.09 -38.16 4.46
CA TRP B 446 -8.94 -38.62 5.23
C TRP B 446 -9.12 -40.09 5.63
N LEU B 447 -8.14 -40.91 5.26
CA LEU B 447 -8.23 -42.36 5.38
C LEU B 447 -7.49 -42.89 6.60
N LYS B 448 -6.18 -42.64 6.67
CA LYS B 448 -5.33 -43.20 7.72
C LYS B 448 -4.53 -42.11 8.40
N HIS B 449 -4.10 -42.38 9.63
CA HIS B 449 -3.32 -41.43 10.43
C HIS B 449 -2.33 -42.25 11.25
N ASN B 450 -1.10 -42.40 10.73
CA ASN B 450 -0.10 -43.23 11.37
C ASN B 450 1.00 -42.38 12.01
N PRO B 451 1.42 -42.70 13.24
CA PRO B 451 2.49 -41.92 13.86
C PRO B 451 3.86 -42.23 13.27
N ILE B 452 4.70 -41.20 13.24
CA ILE B 452 6.04 -41.32 12.68
C ILE B 452 7.14 -41.04 13.70
N GLN B 453 6.84 -40.35 14.81
CA GLN B 453 7.87 -40.03 15.78
C GLN B 453 7.24 -39.58 17.09
N LYS B 454 7.46 -40.31 18.17
CA LYS B 454 7.01 -39.86 19.47
C LYS B 454 7.99 -38.84 20.04
N GLY B 455 7.47 -37.97 20.90
CA GLY B 455 8.28 -36.92 21.47
C GLY B 455 8.15 -35.62 20.70
N GLU B 456 9.09 -34.72 20.97
CA GLU B 456 9.06 -33.41 20.35
C GLU B 456 9.05 -33.53 18.83
N PHE B 457 8.22 -32.72 18.18
CA PHE B 457 8.01 -32.80 16.74
C PHE B 457 7.36 -31.49 16.33
N ALA B 458 7.95 -30.79 15.35
CA ALA B 458 7.47 -29.46 15.02
C ALA B 458 7.36 -29.16 13.53
N TYR B 459 8.47 -28.79 12.89
CA TYR B 459 8.50 -28.47 11.46
C TYR B 459 9.05 -29.64 10.67
N ASN B 460 8.32 -30.05 9.64
CA ASN B 460 8.74 -31.14 8.76
C ASN B 460 8.69 -30.71 7.31
N SER B 461 9.17 -31.61 6.42
CA SER B 461 9.12 -31.43 4.96
C SER B 461 9.05 -32.80 4.30
N LEU B 462 8.01 -33.04 3.50
CA LEU B 462 7.80 -34.30 2.80
C LEU B 462 8.27 -34.22 1.34
N GLN B 463 8.71 -35.36 0.82
CA GLN B 463 9.07 -35.49 -0.60
C GLN B 463 8.89 -36.94 -1.02
N GLU B 464 8.38 -37.14 -2.24
CA GLU B 464 8.24 -38.47 -2.80
C GLU B 464 9.54 -38.89 -3.49
N LEU B 465 9.94 -40.14 -3.26
CA LEU B 465 11.22 -40.65 -3.76
C LEU B 465 11.07 -41.39 -5.09
N GLY B 466 9.86 -41.68 -5.54
CA GLY B 466 9.63 -42.36 -6.80
C GLY B 466 9.31 -43.83 -6.67
N ASN B 467 9.86 -44.50 -5.67
CA ASN B 467 9.46 -45.86 -5.35
C ASN B 467 8.02 -45.77 -4.87
N GLY B 468 7.61 -46.68 -4.01
CA GLY B 468 6.40 -46.47 -3.24
C GLY B 468 6.83 -45.80 -1.94
N GLU B 469 7.98 -45.11 -2.00
CA GLU B 469 8.66 -44.60 -0.82
C GLU B 469 8.60 -43.08 -0.74
N TYR B 470 8.63 -42.59 0.50
CA TYR B 470 8.53 -41.17 0.79
C TYR B 470 9.54 -40.83 1.88
N GLY B 471 10.19 -39.68 1.75
CA GLY B 471 11.13 -39.24 2.75
C GLY B 471 10.59 -38.05 3.53
N ILE B 472 11.16 -37.80 4.71
CA ILE B 472 10.70 -36.69 5.54
C ILE B 472 11.87 -36.17 6.36
N LEU B 473 12.04 -34.86 6.35
CA LEU B 473 12.99 -34.16 7.21
C LEU B 473 12.17 -33.34 8.20
N TYR B 474 12.50 -33.47 9.49
CA TYR B 474 11.64 -32.88 10.51
C TYR B 474 12.47 -32.48 11.72
N GLU B 475 11.88 -31.60 12.54
CA GLU B 475 12.48 -31.15 13.78
C GLU B 475 12.11 -32.08 14.92
N HIS B 476 13.10 -32.40 15.76
CA HIS B 476 12.89 -33.29 16.89
C HIS B 476 14.08 -33.16 17.83
N THR B 477 13.80 -33.34 19.13
CA THR B 477 14.83 -33.34 20.15
C THR B 477 14.67 -34.56 21.05
N GLU B 478 15.77 -34.95 21.70
CA GLU B 478 15.76 -36.03 22.67
C GLU B 478 17.12 -36.06 23.36
N LYS B 479 17.13 -36.57 24.59
CA LYS B 479 18.36 -36.71 25.36
C LYS B 479 19.07 -35.36 25.52
N GLY B 480 18.29 -34.32 25.79
CA GLY B 480 18.84 -32.99 26.03
C GLY B 480 19.38 -32.28 24.83
N GLN B 481 18.91 -32.61 23.63
CA GLN B 481 19.32 -31.88 22.43
C GLN B 481 18.69 -30.50 22.40
N ASN B 482 19.46 -29.52 21.94
CA ASN B 482 18.96 -28.15 21.85
C ASN B 482 17.85 -28.04 20.81
N ALA B 483 17.13 -26.91 20.88
CA ALA B 483 15.99 -26.59 20.03
C ALA B 483 16.08 -27.19 18.64
N TYR B 484 15.76 -28.48 18.58
CA TYR B 484 15.53 -29.24 17.35
C TYR B 484 16.76 -29.61 16.55
N THR B 485 17.07 -30.90 16.57
CA THR B 485 18.00 -31.55 15.64
C THR B 485 17.19 -32.13 14.50
N LEU B 486 17.59 -31.81 13.27
CA LEU B 486 16.80 -32.19 12.11
C LEU B 486 17.15 -33.61 11.70
N SER B 487 16.16 -34.49 11.71
CA SER B 487 16.37 -35.90 11.40
C SER B 487 15.54 -36.28 10.17
N PHE B 488 15.94 -37.37 9.54
CA PHE B 488 15.37 -37.81 8.27
C PHE B 488 14.90 -39.25 8.37
N ARG B 489 13.82 -39.56 7.66
CA ARG B 489 13.27 -40.90 7.65
C ARG B 489 12.65 -41.20 6.29
N LYS B 490 12.56 -42.48 5.98
CA LYS B 490 11.89 -42.98 4.79
C LYS B 490 10.76 -43.92 5.22
N PHE B 491 9.75 -44.05 4.36
CA PHE B 491 8.68 -45.00 4.61
C PHE B 491 8.00 -45.31 3.29
N ASN B 492 7.27 -46.41 3.28
CA ASN B 492 6.59 -46.89 2.11
C ASN B 492 5.09 -46.86 2.21
N TRP B 493 4.45 -47.12 1.08
CA TRP B 493 3.01 -47.11 1.00
C TRP B 493 2.29 -47.94 2.02
N ASP B 494 2.79 -49.13 2.32
CA ASP B 494 2.12 -49.98 3.28
C ASP B 494 2.13 -49.43 4.68
N PHE B 495 3.14 -48.67 5.05
CA PHE B 495 3.13 -47.94 6.31
C PHE B 495 2.08 -46.86 6.34
N LEU B 496 1.83 -46.24 5.20
CA LEU B 496 0.85 -45.20 5.10
C LEU B 496 -0.58 -45.72 5.21
N SER B 497 -0.86 -46.87 4.63
CA SER B 497 -2.18 -47.48 4.64
C SER B 497 -2.45 -48.32 5.89
N LYS B 498 -1.51 -48.40 6.82
CA LYS B 498 -1.69 -49.25 8.00
C LYS B 498 -2.85 -48.74 8.85
C1 DAN C . -15.14 21.21 7.25
C2 DAN C . -14.88 20.24 6.18
C3 DAN C . -15.46 20.48 5.03
C4 DAN C . -15.09 19.69 3.82
C5 DAN C . -14.67 18.31 4.37
C6 DAN C . -13.53 18.50 5.37
C7 DAN C . -13.27 17.16 6.06
C8 DAN C . -12.20 17.34 7.14
C9 DAN C . -11.69 16.00 7.62
C10 DAN C . -14.70 16.27 3.01
C11 DAN C . -14.19 15.46 1.85
N5 DAN C . -14.20 17.49 3.24
O1A DAN C . -14.25 21.38 8.25
O1B DAN C . -16.16 21.86 7.24
O4 DAN C . -16.17 19.57 2.92
O6 DAN C . -13.80 19.46 6.39
O7 DAN C . -14.46 16.70 6.68
O8 DAN C . -11.12 18.10 6.57
O9 DAN C . -10.37 16.13 8.17
O10 DAN C . -15.58 15.82 3.73
H3 DAN C . -16.11 21.14 4.97
H4 DAN C . -14.35 20.10 3.33
H5 DAN C . -15.43 17.89 4.82
H6 DAN C . -12.78 18.84 4.85
H7 DAN C . -12.96 16.51 5.40
H8 DAN C . -12.57 17.83 7.90
H91 DAN C . -12.28 15.65 8.31
H92 DAN C . -11.66 15.37 6.88
H111 DAN C . -14.67 14.61 1.80
H112 DAN C . -14.34 15.94 1.02
H113 DAN C . -13.25 15.30 1.95
HN5 DAN C . -13.58 17.79 2.73
HO4 DAN C . -16.60 20.30 2.95
HO7 DAN C . -14.83 17.37 7.05
HO8 DAN C . -10.61 17.54 6.18
HO9 DAN C . -10.46 16.26 9.00
C1 DAN D . 7.96 -20.90 15.57
C2 DAN D . 8.09 -20.22 14.27
C3 DAN D . 9.14 -20.56 13.53
C4 DAN D . 9.75 -19.59 12.55
C5 DAN D . 9.16 -18.21 12.83
C6 DAN D . 7.64 -18.38 12.95
C7 DAN D . 6.97 -17.01 13.05
C8 DAN D . 5.52 -17.17 13.54
C9 DAN D . 4.93 -15.81 13.91
C10 DAN D . 9.85 -16.03 11.96
C11 DAN D . 10.22 -15.13 10.81
N5 DAN D . 9.51 -17.32 11.73
O1A DAN D . 6.75 -21.06 16.12
O1B DAN D . 8.95 -21.31 16.14
O4 DAN D . 11.18 -19.57 12.71
O6 DAN D . 7.32 -19.13 14.11
O7 DAN D . 7.70 -16.21 13.99
O8 DAN D . 4.73 -17.74 12.50
O9 DAN D . 3.78 -16.02 14.74
O10 DAN D . 9.87 -15.59 13.09
H3 DAN D . 9.50 -21.40 13.64
H4 DAN D . 9.55 -19.87 11.64
H5 DAN D . 9.49 -17.83 13.67
H6 DAN D . 7.33 -18.85 12.16
H7 DAN D . 6.96 -16.57 12.19
H8 DAN D . 5.53 -17.75 14.33
H91 DAN D . 5.58 -15.28 14.39
H92 DAN D . 4.66 -15.35 13.11
H111 DAN D . 11.02 -15.48 10.36
H112 DAN D . 9.49 -15.10 10.18
H113 DAN D . 10.41 -14.25 11.14
HN5 DAN D . 9.51 -17.62 10.92
HO4 DAN D . 11.51 -19.77 11.94
HO7 DAN D . 7.70 -16.63 14.73
HO8 DAN D . 5.25 -17.87 11.84
HO9 DAN D . 3.10 -15.75 14.31
#